data_3UPN
#
_entry.id   3UPN
#
_cell.length_a   122.800
_cell.length_b   122.800
_cell.length_c   101.100
_cell.angle_alpha   90.00
_cell.angle_beta   90.00
_cell.angle_gamma   120.00
#
_symmetry.space_group_name_H-M   'P 61'
#
loop_
_entity.id
_entity.type
_entity.pdbx_description
1 polymer 'Penicillin-binding protein A'
2 non-polymer '(5R)-5-[(1S,2R)-1-formyl-2-hydroxypropyl]-3-[(2-{[(E)-iminomethyl]amino}ethyl)sulfanyl]-4,5-dihydro-1H-pyrrole-2-carbox ylic acid'
3 water water
#
_entity_poly.entity_id   1
_entity_poly.type   'polypeptide(L)'
_entity_poly.pdbx_seq_one_letter_code
;GAMGSRADPRNQRVLLDEYSRQRGQITAGGQLLAYSVATDGRFRFLRVYPNPEVYAPVTGFYSLRYSSTALERAEDPILN
GSDRRLFGRRLADFFTGRDPRGGNVDTTINPRIQQAGWDAMQQGCYGPCKGAVVALEPSTGKILALVSSPSYDPNLLASH
NPEVQAQAWQRLGDNPASPLTNRAISETYPPGSTFKVITTAAALAAGATETEQLTAAPTIPLPGSTAQLENYGGAPCGDE
PTVSLREAFVKSCNTAFVQLGIRTGADALRSMARAFGLDSPPRPTPLQVAESTVGPIPDSAALGMTSIGQKDVALTPLAN
AEIAATIANGGITMRPYLVGSLKGPDLANISTTVRYQQRRAVSPQVAAKLTELMVGAEKVAQQKGAIPGVQIASKTGTAE
HGTDPRHTPPHAWYIAFAPAQAPKVAVAVLVENGADRLSATGGALAAPIGRAVIEAALQGEP
;
_entity_poly.pdbx_strand_id   A,B
#
loop_
_chem_comp.id
_chem_comp.type
_chem_comp.name
_chem_comp.formula
IM2 non-polymer '(5R)-5-[(1S,2R)-1-formyl-2-hydroxypropyl]-3-[(2-{[(E)-iminomethyl]amino}ethyl)sulfanyl]-4,5-dihydro-1H-pyrrole-2-carbox ylic acid' 'C12 H19 N3 O4 S'
#
# COMPACT_ATOMS: atom_id res chain seq x y z
N LEU A 15 49.14 -12.38 -9.23
CA LEU A 15 47.96 -12.86 -8.47
C LEU A 15 48.27 -14.13 -7.67
N LEU A 16 49.13 -14.97 -8.21
CA LEU A 16 49.47 -16.26 -7.58
C LEU A 16 49.96 -16.13 -6.14
N ASP A 17 50.91 -15.21 -5.92
CA ASP A 17 51.53 -15.01 -4.61
C ASP A 17 50.62 -14.29 -3.59
N GLU A 18 49.88 -13.29 -4.04
CA GLU A 18 48.95 -12.58 -3.15
C GLU A 18 47.78 -13.47 -2.70
N TYR A 19 47.54 -14.57 -3.41
CA TYR A 19 46.55 -15.56 -2.97
C TYR A 19 47.16 -16.66 -2.09
N SER A 20 48.49 -16.67 -1.98
CA SER A 20 49.19 -17.62 -1.10
C SER A 20 49.27 -17.13 0.36
N ARG A 21 48.90 -15.87 0.59
CA ARG A 21 48.84 -15.29 1.94
C ARG A 21 47.39 -15.00 2.31
N GLN A 22 47.00 -15.36 3.53
CA GLN A 22 45.63 -15.23 3.98
C GLN A 22 45.18 -13.77 4.19
N ARG A 23 44.41 -13.28 3.23
CA ARG A 23 43.78 -11.98 3.33
C ARG A 23 43.00 -11.87 4.65
N GLY A 24 43.00 -10.69 5.27
CA GLY A 24 42.30 -10.50 6.54
C GLY A 24 40.78 -10.34 6.43
N GLN A 25 40.15 -10.12 7.57
CA GLN A 25 38.68 -10.10 7.68
C GLN A 25 38.03 -8.70 7.67
N ILE A 26 36.88 -8.60 7.02
CA ILE A 26 36.01 -7.42 7.18
C ILE A 26 34.93 -7.82 8.16
N THR A 27 34.80 -7.06 9.26
CA THR A 27 33.90 -7.45 10.36
C THR A 27 32.81 -6.41 10.70
N ALA A 28 31.73 -6.89 11.32
CA ALA A 28 30.67 -6.04 11.85
C ALA A 28 30.12 -6.68 13.11
N GLY A 29 30.25 -5.98 14.23
CA GLY A 29 29.75 -6.45 15.52
C GLY A 29 30.37 -7.76 15.95
N GLY A 30 31.67 -7.91 15.72
CA GLY A 30 32.36 -9.19 15.98
C GLY A 30 31.93 -10.36 15.10
N GLN A 31 31.20 -10.07 14.02
CA GLN A 31 30.77 -11.07 13.06
C GLN A 31 31.50 -10.87 11.73
N LEU A 32 31.74 -11.95 11.01
CA LEU A 32 32.49 -11.89 9.76
C LEU A 32 31.59 -11.55 8.58
N LEU A 33 32.03 -10.57 7.78
CA LEU A 33 31.36 -10.18 6.55
C LEU A 33 32.14 -10.67 5.35
N ALA A 34 33.47 -10.75 5.51
CA ALA A 34 34.36 -11.29 4.49
C ALA A 34 35.58 -11.90 5.17
N TYR A 35 35.98 -13.07 4.68
CA TYR A 35 37.17 -13.78 5.17
C TYR A 35 37.69 -14.72 4.08
N SER A 36 38.87 -15.29 4.31
CA SER A 36 39.54 -16.13 3.33
C SER A 36 39.79 -17.52 3.88
N VAL A 37 39.59 -18.52 3.04
CA VAL A 37 39.73 -19.92 3.44
C VAL A 37 40.88 -20.53 2.65
N ALA A 38 41.72 -21.30 3.36
CA ALA A 38 42.82 -22.08 2.77
C ALA A 38 42.28 -23.29 1.98
N THR A 39 42.62 -23.37 0.69
CA THR A 39 42.11 -24.46 -0.18
C THR A 39 43.26 -25.20 -0.90
N ASP A 40 42.90 -26.21 -1.71
CA ASP A 40 43.88 -26.91 -2.56
C ASP A 40 44.02 -26.25 -3.94
N GLY A 41 43.49 -25.03 -4.10
CA GLY A 41 43.58 -24.35 -5.37
C GLY A 41 45.00 -23.86 -5.65
N ARG A 42 45.30 -23.74 -6.95
CA ARG A 42 46.49 -23.08 -7.46
C ARG A 42 46.65 -21.71 -6.77
N PHE A 43 45.56 -20.95 -6.72
CA PHE A 43 45.48 -19.80 -5.82
C PHE A 43 44.93 -20.35 -4.50
N ARG A 44 45.74 -20.30 -3.46
CA ARG A 44 45.46 -21.05 -2.23
C ARG A 44 44.18 -20.60 -1.49
N PHE A 45 44.07 -19.27 -1.33
CA PHE A 45 42.98 -18.68 -0.56
C PHE A 45 41.78 -18.27 -1.40
N LEU A 46 40.61 -18.75 -0.99
CA LEU A 46 39.37 -18.34 -1.62
C LEU A 46 38.67 -17.33 -0.70
N ARG A 47 38.23 -16.22 -1.26
CA ARG A 47 37.45 -15.22 -0.52
C ARG A 47 35.99 -15.69 -0.31
N VAL A 48 35.52 -15.62 0.94
CA VAL A 48 34.17 -16.08 1.30
C VAL A 48 33.37 -14.93 1.95
N TYR A 49 32.10 -14.78 1.54
CA TYR A 49 31.16 -13.75 2.03
C TYR A 49 29.96 -14.46 2.58
N PRO A 50 29.89 -14.61 3.92
CA PRO A 50 28.86 -15.48 4.50
C PRO A 50 27.40 -14.98 4.46
N ASN A 51 27.20 -13.66 4.35
CA ASN A 51 25.87 -13.06 4.16
C ASN A 51 25.92 -12.10 2.98
N PRO A 52 26.03 -12.67 1.76
CA PRO A 52 26.58 -11.95 0.60
C PRO A 52 25.82 -10.72 0.10
N GLU A 53 24.52 -10.89 -0.19
CA GLU A 53 23.69 -9.80 -0.71
C GLU A 53 23.48 -8.70 0.30
N VAL A 54 23.26 -9.10 1.54
CA VAL A 54 23.02 -8.13 2.61
C VAL A 54 24.17 -7.15 2.77
N TYR A 55 25.41 -7.66 2.82
CA TYR A 55 26.61 -6.83 3.06
C TYR A 55 27.41 -6.40 1.86
N ALA A 56 26.98 -6.76 0.65
CA ALA A 56 27.70 -6.36 -0.58
C ALA A 56 27.95 -4.85 -0.76
N PRO A 57 27.01 -3.96 -0.32
CA PRO A 57 27.35 -2.53 -0.34
C PRO A 57 28.53 -2.14 0.55
N VAL A 58 28.77 -2.93 1.59
CA VAL A 58 29.83 -2.69 2.56
C VAL A 58 31.14 -3.41 2.14
N THR A 59 31.10 -4.72 1.89
CA THR A 59 32.32 -5.49 1.54
C THR A 59 32.81 -5.19 0.14
N GLY A 60 31.89 -5.00 -0.80
CA GLY A 60 32.24 -5.11 -2.21
C GLY A 60 32.69 -6.53 -2.58
N PHE A 61 33.41 -6.66 -3.70
CA PHE A 61 33.94 -7.94 -4.08
C PHE A 61 35.46 -7.92 -4.20
N TYR A 62 36.03 -9.12 -4.16
CA TYR A 62 37.46 -9.33 -4.33
C TYR A 62 37.65 -10.45 -5.35
N SER A 63 38.04 -10.08 -6.56
CA SER A 63 37.98 -11.01 -7.71
C SER A 63 39.31 -11.09 -8.43
N LEU A 64 39.70 -12.32 -8.76
CA LEU A 64 40.89 -12.60 -9.59
C LEU A 64 40.83 -11.89 -10.94
N ARG A 65 39.67 -11.90 -11.57
CA ARG A 65 39.53 -11.35 -12.92
C ARG A 65 39.17 -9.86 -12.94
N TYR A 66 38.38 -9.42 -11.96
CA TYR A 66 37.81 -8.08 -11.99
C TYR A 66 38.24 -7.16 -10.84
N SER A 67 39.25 -7.59 -10.08
CA SER A 67 39.83 -6.79 -8.99
C SER A 67 38.84 -6.62 -7.82
N SER A 68 38.77 -5.42 -7.24
CA SER A 68 38.02 -5.18 -6.02
C SER A 68 37.15 -3.92 -6.07
N THR A 69 36.17 -3.86 -5.17
CA THR A 69 35.31 -2.68 -4.99
C THR A 69 35.08 -2.48 -3.50
N ALA A 70 34.44 -1.36 -3.14
CA ALA A 70 34.04 -1.03 -1.78
C ALA A 70 35.18 -1.20 -0.77
N LEU A 71 34.91 -1.80 0.39
CA LEU A 71 35.96 -1.97 1.41
C LEU A 71 37.10 -2.95 1.08
N GLU A 72 36.84 -3.94 0.23
CA GLU A 72 37.94 -4.79 -0.31
C GLU A 72 39.00 -3.92 -1.02
N ARG A 73 38.53 -2.92 -1.77
CA ARG A 73 39.40 -1.99 -2.49
C ARG A 73 39.97 -0.86 -1.62
N ALA A 74 39.10 -0.22 -0.82
CA ALA A 74 39.51 0.87 0.07
C ALA A 74 40.58 0.45 1.06
N GLU A 75 40.42 -0.72 1.67
CA GLU A 75 41.27 -1.14 2.76
C GLU A 75 42.13 -2.32 2.32
N ASP A 76 42.42 -2.34 1.03
CA ASP A 76 43.22 -3.37 0.41
C ASP A 76 44.61 -3.56 1.06
N PRO A 77 45.36 -2.45 1.32
CA PRO A 77 46.67 -2.57 1.99
C PRO A 77 46.60 -3.28 3.35
N ILE A 78 45.58 -2.97 4.16
CA ILE A 78 45.39 -3.64 5.44
C ILE A 78 45.02 -5.13 5.25
N LEU A 79 44.00 -5.38 4.42
CA LEU A 79 43.49 -6.74 4.22
C LEU A 79 44.53 -7.67 3.58
N ASN A 80 45.34 -7.15 2.65
CA ASN A 80 46.40 -7.98 2.07
C ASN A 80 47.73 -8.03 2.85
N GLY A 81 47.91 -7.12 3.80
CA GLY A 81 49.04 -7.17 4.71
C GLY A 81 50.21 -6.29 4.31
N SER A 82 50.04 -5.54 3.22
CA SER A 82 51.08 -4.73 2.62
C SER A 82 51.20 -3.32 3.24
N ASP A 83 50.17 -2.91 3.99
CA ASP A 83 50.14 -1.62 4.68
C ASP A 83 51.39 -1.36 5.52
N ARG A 84 51.93 -0.15 5.43
CA ARG A 84 53.20 0.20 6.08
C ARG A 84 53.15 -0.13 7.57
N ARG A 85 52.00 0.21 8.18
CA ARG A 85 51.73 -0.01 9.60
C ARG A 85 51.77 -1.50 10.01
N LEU A 86 51.82 -2.40 9.02
CA LEU A 86 51.88 -3.85 9.29
C LEU A 86 53.25 -4.48 9.00
N PHE A 87 54.21 -3.66 8.59
CA PHE A 87 55.51 -4.14 8.13
C PHE A 87 56.26 -4.98 9.18
N GLY A 88 56.15 -4.59 10.45
CA GLY A 88 56.81 -5.31 11.56
C GLY A 88 56.28 -6.72 11.81
N ARG A 89 54.96 -6.88 11.71
CA ARG A 89 54.30 -8.17 11.86
C ARG A 89 54.73 -9.15 10.79
N ARG A 90 54.85 -8.64 9.56
CA ARG A 90 55.27 -9.40 8.38
C ARG A 90 56.71 -9.89 8.54
N LEU A 91 57.58 -9.01 9.05
CA LEU A 91 58.97 -9.39 9.39
C LEU A 91 59.02 -10.46 10.47
N ALA A 92 58.35 -10.19 11.60
CA ALA A 92 58.34 -11.11 12.74
C ALA A 92 57.83 -12.51 12.37
N ASP A 93 56.75 -12.58 11.59
CA ASP A 93 56.15 -13.84 11.09
C ASP A 93 57.11 -14.66 10.24
N PHE A 94 57.76 -13.99 9.29
CA PHE A 94 58.70 -14.65 8.38
C PHE A 94 59.92 -15.15 9.15
N PHE A 95 60.39 -14.35 10.09
CA PHE A 95 61.50 -14.73 10.97
C PHE A 95 61.14 -15.93 11.84
N THR A 96 59.92 -15.92 12.39
CA THR A 96 59.49 -17.01 13.25
C THR A 96 58.97 -18.28 12.53
N GLY A 97 58.60 -18.14 11.25
CA GLY A 97 58.07 -19.28 10.49
C GLY A 97 56.55 -19.34 10.36
N ARG A 98 55.84 -18.48 11.10
CA ARG A 98 54.38 -18.40 11.05
C ARG A 98 53.82 -18.08 9.66
N ASP A 99 52.78 -18.81 9.26
CA ASP A 99 51.96 -18.46 8.09
C ASP A 99 51.48 -17.00 8.22
N PRO A 100 51.70 -16.18 7.16
CA PRO A 100 51.34 -14.77 7.27
C PRO A 100 49.83 -14.53 7.05
N ARG A 101 49.32 -13.45 7.65
CA ARG A 101 47.90 -13.08 7.53
C ARG A 101 47.80 -11.55 7.47
N GLY A 102 46.90 -11.06 6.61
CA GLY A 102 46.61 -9.63 6.53
C GLY A 102 45.87 -9.13 7.76
N GLY A 103 45.66 -7.81 7.85
CA GLY A 103 44.96 -7.23 8.98
C GLY A 103 43.44 -7.27 8.82
N ASN A 104 42.73 -6.77 9.84
CA ASN A 104 41.27 -6.75 9.87
C ASN A 104 40.71 -5.34 9.80
N VAL A 105 39.55 -5.23 9.16
CA VAL A 105 38.78 -3.99 9.08
C VAL A 105 37.49 -4.16 9.85
N ASP A 106 37.38 -3.48 10.99
CA ASP A 106 36.15 -3.49 11.78
C ASP A 106 35.27 -2.30 11.41
N THR A 107 34.13 -2.59 10.78
CA THR A 107 33.17 -1.58 10.34
C THR A 107 32.32 -1.08 11.50
N THR A 108 31.58 0.00 11.24
CA THR A 108 30.64 0.58 12.18
C THR A 108 29.22 -0.01 12.04
N ILE A 109 29.03 -0.92 11.07
CA ILE A 109 27.74 -1.55 10.79
C ILE A 109 27.26 -2.38 11.97
N ASN A 110 26.00 -2.16 12.38
CA ASN A 110 25.35 -3.02 13.38
C ASN A 110 24.55 -4.12 12.64
N PRO A 111 24.99 -5.39 12.74
CA PRO A 111 24.33 -6.47 12.00
C PRO A 111 22.80 -6.56 12.16
N ARG A 112 22.29 -6.35 13.38
CA ARG A 112 20.84 -6.32 13.62
C ARG A 112 20.09 -5.29 12.77
N ILE A 113 20.69 -4.12 12.60
CA ILE A 113 20.08 -3.02 11.87
C ILE A 113 20.22 -3.20 10.37
N GLN A 114 21.40 -3.67 9.94
CA GLN A 114 21.63 -3.97 8.54
C GLN A 114 20.64 -5.05 8.07
N GLN A 115 20.55 -6.14 8.84
CA GLN A 115 19.64 -7.23 8.51
C GLN A 115 18.18 -6.78 8.49
N ALA A 116 17.78 -5.90 9.42
CA ALA A 116 16.39 -5.38 9.46
C ALA A 116 16.10 -4.46 8.28
N GLY A 117 17.07 -3.63 7.90
CA GLY A 117 16.93 -2.83 6.68
C GLY A 117 16.75 -3.69 5.42
N TRP A 118 17.65 -4.67 5.23
CA TRP A 118 17.56 -5.65 4.11
C TRP A 118 16.21 -6.41 4.09
N ASP A 119 15.85 -7.04 5.21
CA ASP A 119 14.61 -7.82 5.30
C ASP A 119 13.38 -6.96 4.97
N ALA A 120 13.31 -5.78 5.57
CA ALA A 120 12.23 -4.83 5.27
C ALA A 120 12.18 -4.44 3.79
N MET A 121 13.34 -4.29 3.17
CA MET A 121 13.38 -4.02 1.73
C MET A 121 12.95 -5.22 0.86
N GLN A 122 13.18 -6.44 1.33
CA GLN A 122 12.82 -7.62 0.54
C GLN A 122 11.33 -7.95 0.63
N GLN A 123 10.63 -7.41 1.63
CA GLN A 123 9.19 -7.68 1.84
C GLN A 123 8.27 -6.46 1.74
N GLY A 124 8.83 -5.26 1.63
CA GLY A 124 8.06 -4.05 1.81
C GLY A 124 7.30 -3.51 0.61
N CYS A 125 7.51 -4.14 -0.55
CA CYS A 125 6.82 -3.73 -1.78
C CYS A 125 5.98 -4.88 -2.34
N TYR A 126 5.32 -5.63 -1.46
CA TYR A 126 4.58 -6.86 -1.80
C TYR A 126 5.47 -7.82 -2.57
N GLY A 127 6.71 -7.97 -2.10
CA GLY A 127 7.84 -8.48 -2.87
C GLY A 127 9.01 -7.51 -2.67
N PRO A 128 10.20 -7.81 -3.24
CA PRO A 128 11.37 -6.93 -3.04
C PRO A 128 11.27 -5.50 -3.59
N CYS A 129 11.65 -4.52 -2.77
CA CYS A 129 11.85 -3.15 -3.23
C CYS A 129 13.24 -2.94 -3.87
N LYS A 130 13.28 -2.08 -4.88
CA LYS A 130 14.49 -1.43 -5.37
C LYS A 130 14.70 -0.10 -4.61
N GLY A 131 15.91 0.11 -4.09
CA GLY A 131 16.25 1.35 -3.39
C GLY A 131 17.37 1.19 -2.37
N ALA A 132 17.28 1.98 -1.30
CA ALA A 132 18.35 2.08 -0.31
C ALA A 132 17.82 2.40 1.09
N VAL A 133 18.48 1.84 2.11
CA VAL A 133 18.28 2.22 3.50
C VAL A 133 19.66 2.64 4.09
N VAL A 134 19.71 3.79 4.75
CA VAL A 134 20.90 4.22 5.52
C VAL A 134 20.50 4.46 6.99
N ALA A 135 21.24 3.87 7.93
CA ALA A 135 21.11 4.25 9.35
C ALA A 135 22.42 4.89 9.86
N LEU A 136 22.26 6.02 10.56
CA LEU A 136 23.38 6.80 11.14
C LEU A 136 23.22 6.93 12.65
N GLU A 137 24.32 7.11 13.37
CA GLU A 137 24.27 7.47 14.78
C GLU A 137 24.55 8.98 14.88
N PRO A 138 23.52 9.78 15.20
CA PRO A 138 23.62 11.23 14.98
C PRO A 138 24.78 11.90 15.73
N SER A 139 25.06 11.43 16.94
CA SER A 139 26.08 12.02 17.79
C SER A 139 27.51 11.62 17.46
N THR A 140 27.71 10.60 16.62
CA THR A 140 29.06 10.13 16.28
C THR A 140 29.40 10.15 14.80
N GLY A 141 28.40 10.00 13.94
CA GLY A 141 28.62 9.91 12.50
C GLY A 141 28.79 8.48 12.01
N LYS A 142 28.72 7.50 12.92
CA LYS A 142 28.81 6.08 12.56
C LYS A 142 27.73 5.64 11.56
N ILE A 143 28.15 4.97 10.48
CA ILE A 143 27.20 4.36 9.55
C ILE A 143 26.76 3.00 10.10
N LEU A 144 25.54 2.95 10.63
CA LEU A 144 25.08 1.78 11.35
C LEU A 144 24.51 0.72 10.40
N ALA A 145 24.08 1.17 9.22
CA ALA A 145 23.56 0.31 8.17
C ALA A 145 23.71 1.02 6.84
N LEU A 146 24.06 0.25 5.82
CA LEU A 146 24.23 0.74 4.47
C LEU A 146 23.65 -0.30 3.49
N VAL A 147 22.35 -0.20 3.18
CA VAL A 147 21.61 -1.24 2.45
C VAL A 147 21.25 -0.76 1.03
N SER A 148 21.51 -1.61 0.04
CA SER A 148 21.08 -1.33 -1.31
C SER A 148 20.33 -2.54 -1.84
N SER A 149 19.30 -2.30 -2.66
CA SER A 149 18.45 -3.37 -3.19
C SER A 149 18.02 -3.02 -4.61
N PRO A 150 18.10 -3.98 -5.56
CA PRO A 150 18.59 -5.34 -5.37
C PRO A 150 20.10 -5.36 -5.15
N SER A 151 20.60 -6.43 -4.56
CA SER A 151 22.03 -6.55 -4.32
C SER A 151 22.54 -7.75 -5.13
N TYR A 152 23.79 -8.15 -4.90
CA TYR A 152 24.35 -9.29 -5.65
C TYR A 152 25.19 -10.11 -4.67
N ASP A 153 25.67 -11.27 -5.13
CA ASP A 153 26.47 -12.21 -4.34
C ASP A 153 27.96 -12.10 -4.75
N PRO A 154 28.80 -11.48 -3.89
CA PRO A 154 30.23 -11.43 -4.23
C PRO A 154 30.96 -12.79 -4.27
N ASN A 155 30.36 -13.85 -3.72
CA ASN A 155 30.91 -15.22 -3.86
C ASN A 155 31.04 -15.65 -5.32
N LEU A 156 30.10 -15.19 -6.14
CA LEU A 156 30.17 -15.36 -7.59
C LEU A 156 31.44 -14.81 -8.22
N LEU A 157 31.93 -13.66 -7.74
CA LEU A 157 33.12 -13.06 -8.34
C LEU A 157 34.42 -13.50 -7.63
N ALA A 158 34.27 -14.16 -6.49
CA ALA A 158 35.39 -14.73 -5.75
C ALA A 158 35.83 -16.10 -6.30
N SER A 159 35.05 -16.65 -7.22
CA SER A 159 35.37 -17.95 -7.83
C SER A 159 36.74 -17.94 -8.52
N HIS A 160 37.46 -19.06 -8.43
CA HIS A 160 38.77 -19.14 -9.07
C HIS A 160 38.65 -19.61 -10.52
N ASN A 161 37.43 -19.95 -10.91
CA ASN A 161 37.06 -20.36 -12.27
C ASN A 161 36.81 -19.13 -13.14
N PRO A 162 37.64 -18.91 -14.19
CA PRO A 162 37.51 -17.71 -15.02
C PRO A 162 36.16 -17.57 -15.70
N GLU A 163 35.57 -18.70 -16.08
CA GLU A 163 34.33 -18.73 -16.82
C GLU A 163 33.13 -18.43 -15.91
N VAL A 164 33.21 -18.88 -14.66
CA VAL A 164 32.17 -18.58 -13.66
C VAL A 164 32.17 -17.08 -13.39
N GLN A 165 33.36 -16.49 -13.21
CA GLN A 165 33.51 -15.05 -13.00
C GLN A 165 33.02 -14.23 -14.19
N ALA A 166 33.39 -14.65 -15.40
CA ALA A 166 33.03 -13.92 -16.62
C ALA A 166 31.52 -13.97 -16.87
N GLN A 167 30.92 -15.14 -16.62
CA GLN A 167 29.47 -15.30 -16.73
C GLN A 167 28.72 -14.43 -15.73
N ALA A 168 29.18 -14.44 -14.47
CA ALA A 168 28.55 -13.61 -13.43
C ALA A 168 28.69 -12.12 -13.77
N TRP A 169 29.89 -11.68 -14.15
CA TRP A 169 30.14 -10.29 -14.52
C TRP A 169 29.20 -9.80 -15.63
N GLN A 170 28.96 -10.67 -16.60
CA GLN A 170 28.11 -10.40 -17.74
C GLN A 170 26.61 -10.34 -17.35
N ARG A 171 26.15 -11.32 -16.56
CA ARG A 171 24.79 -11.33 -16.03
C ARG A 171 24.49 -10.05 -15.20
N LEU A 172 25.40 -9.71 -14.29
CA LEU A 172 25.27 -8.52 -13.45
C LEU A 172 25.23 -7.22 -14.26
N GLY A 173 26.09 -7.11 -15.27
CA GLY A 173 26.19 -5.90 -16.07
C GLY A 173 25.06 -5.72 -17.08
N ASP A 174 24.34 -6.79 -17.37
CA ASP A 174 23.20 -6.72 -18.29
C ASP A 174 21.86 -6.66 -17.56
N ASN A 175 21.91 -6.78 -16.23
CA ASN A 175 20.72 -6.68 -15.41
C ASN A 175 20.27 -5.22 -15.37
N PRO A 176 19.06 -4.95 -15.88
CA PRO A 176 18.52 -3.59 -15.95
C PRO A 176 18.32 -2.93 -14.58
N ALA A 177 18.14 -3.75 -13.53
CA ALA A 177 18.03 -3.30 -12.14
C ALA A 177 19.40 -2.94 -11.55
N SER A 178 20.46 -3.22 -12.30
CA SER A 178 21.82 -2.84 -11.93
C SER A 178 22.14 -3.11 -10.44
N PRO A 179 22.21 -4.41 -10.05
CA PRO A 179 22.46 -4.81 -8.65
C PRO A 179 23.86 -4.52 -8.07
N LEU A 180 24.83 -4.22 -8.94
CA LEU A 180 26.18 -3.81 -8.50
C LEU A 180 26.18 -2.40 -7.89
N THR A 181 25.27 -1.55 -8.37
CA THR A 181 25.20 -0.16 -7.91
C THR A 181 24.86 -0.11 -6.42
N ASN A 182 25.67 0.65 -5.67
CA ASN A 182 25.39 0.95 -4.27
C ASN A 182 24.53 2.22 -4.24
N ARG A 183 23.23 2.03 -4.16
CA ARG A 183 22.26 3.11 -4.31
C ARG A 183 22.26 4.07 -3.13
N ALA A 184 22.72 3.61 -1.97
CA ALA A 184 22.79 4.43 -0.77
C ALA A 184 23.79 5.60 -0.86
N ILE A 185 24.85 5.42 -1.66
CA ILE A 185 25.92 6.43 -1.74
C ILE A 185 26.36 6.83 -3.15
N SER A 186 25.94 6.08 -4.17
CA SER A 186 26.43 6.35 -5.54
C SER A 186 25.37 6.93 -6.44
N GLU A 187 24.12 6.84 -6.05
CA GLU A 187 23.06 7.45 -6.84
C GLU A 187 22.42 8.64 -6.14
N THR A 188 22.03 9.64 -6.93
CA THR A 188 21.26 10.77 -6.44
C THR A 188 19.82 10.71 -6.95
N TYR A 189 18.88 11.10 -6.09
CA TYR A 189 17.45 11.09 -6.40
C TYR A 189 16.84 12.43 -5.96
N PRO A 190 15.82 12.92 -6.70
CA PRO A 190 15.02 14.03 -6.20
C PRO A 190 14.44 13.68 -4.82
N PRO A 191 14.66 14.55 -3.82
CA PRO A 191 14.16 14.35 -2.45
C PRO A 191 12.66 14.59 -2.25
N GLY A 192 12.01 15.28 -3.19
CA GLY A 192 10.57 15.62 -3.06
C GLY A 192 10.20 16.24 -1.71
N SER A 193 9.09 15.77 -1.14
CA SER A 193 8.57 16.31 0.13
C SER A 193 9.59 16.40 1.28
N THR A 194 10.59 15.52 1.30
CA THR A 194 11.60 15.54 2.37
C THR A 194 12.41 16.84 2.39
N PHE A 195 12.53 17.47 1.24
CA PHE A 195 13.27 18.71 1.10
C PHE A 195 12.57 19.93 1.72
N LYS A 196 11.33 19.75 2.20
CA LYS A 196 10.64 20.81 2.91
C LYS A 196 11.34 21.07 4.23
N VAL A 197 12.03 20.06 4.75
CA VAL A 197 12.90 20.24 5.91
C VAL A 197 13.90 21.38 5.66
N ILE A 198 14.46 21.43 4.44
CA ILE A 198 15.44 22.45 4.08
C ILE A 198 14.81 23.83 3.81
N THR A 199 13.73 23.84 3.06
CA THR A 199 12.95 25.06 2.81
C THR A 199 12.45 25.64 4.15
N THR A 200 11.99 24.78 5.05
CA THR A 200 11.58 25.18 6.41
C THR A 200 12.74 25.76 7.23
N ALA A 201 13.85 25.02 7.30
CA ALA A 201 15.07 25.52 7.97
C ALA A 201 15.51 26.92 7.46
N ALA A 202 15.51 27.10 6.15
CA ALA A 202 15.89 28.38 5.55
C ALA A 202 14.98 29.54 6.01
N ALA A 203 13.66 29.30 6.01
CA ALA A 203 12.67 30.29 6.44
C ALA A 203 12.80 30.63 7.92
N LEU A 204 12.93 29.60 8.77
CA LEU A 204 13.13 29.77 10.21
C LEU A 204 14.37 30.60 10.54
N ALA A 205 15.44 30.39 9.78
CA ALA A 205 16.70 31.10 9.98
C ALA A 205 16.62 32.55 9.52
N ALA A 206 15.79 32.80 8.50
CA ALA A 206 15.57 34.15 7.98
C ALA A 206 14.61 34.96 8.87
N GLY A 207 14.04 34.31 9.89
CA GLY A 207 13.17 35.00 10.82
C GLY A 207 11.69 34.67 10.76
N ALA A 208 11.28 33.75 9.88
CA ALA A 208 9.87 33.31 9.89
C ALA A 208 9.62 32.42 11.10
N THR A 209 8.35 32.33 11.54
CA THR A 209 7.98 31.54 12.70
C THR A 209 6.93 30.47 12.29
N GLU A 210 6.79 29.44 13.12
CA GLU A 210 5.84 28.33 12.90
C GLU A 210 4.36 28.76 12.79
N THR A 211 4.10 30.01 13.18
CA THR A 211 2.75 30.53 13.27
C THR A 211 2.43 31.42 12.04
N GLU A 212 3.46 31.70 11.24
CA GLU A 212 3.34 32.45 9.98
C GLU A 212 2.31 31.83 9.03
N GLN A 213 1.51 32.69 8.40
CA GLN A 213 0.38 32.25 7.56
C GLN A 213 0.71 32.15 6.07
N LEU A 214 0.41 30.99 5.49
CA LEU A 214 0.74 30.66 4.09
C LEU A 214 -0.49 30.19 3.36
N THR A 215 -0.53 30.40 2.06
CA THR A 215 -1.68 30.01 1.24
C THR A 215 -2.07 28.54 1.40
N ALA A 216 -3.38 28.29 1.42
CA ALA A 216 -3.93 26.94 1.47
C ALA A 216 -4.51 26.55 0.12
N ALA A 217 -4.35 27.42 -0.87
CA ALA A 217 -4.91 27.21 -2.21
C ALA A 217 -4.46 25.89 -2.83
N PRO A 218 -5.38 25.19 -3.53
CA PRO A 218 -5.08 23.90 -4.17
C PRO A 218 -4.04 24.02 -5.28
N THR A 219 -3.90 25.23 -5.82
CA THR A 219 -3.10 25.51 -7.00
C THR A 219 -2.30 26.79 -6.77
N ILE A 220 -1.15 26.90 -7.44
CA ILE A 220 -0.34 28.13 -7.41
C ILE A 220 0.37 28.34 -8.75
N PRO A 221 0.30 29.56 -9.31
CA PRO A 221 1.05 29.88 -10.52
C PRO A 221 2.56 29.94 -10.26
N LEU A 222 3.35 29.52 -11.24
CA LEU A 222 4.81 29.72 -11.19
C LEU A 222 5.18 30.98 -11.96
N PRO A 223 5.91 31.91 -11.31
CA PRO A 223 6.24 33.20 -11.94
C PRO A 223 7.25 33.06 -13.08
N GLY A 224 6.97 33.73 -14.19
CA GLY A 224 7.84 33.67 -15.38
C GLY A 224 7.63 32.45 -16.26
N SER A 225 6.45 31.84 -16.17
CA SER A 225 6.07 30.67 -16.97
C SER A 225 4.56 30.38 -16.91
N THR A 226 4.07 29.60 -17.88
CA THR A 226 2.68 29.11 -17.89
C THR A 226 2.53 27.87 -17.00
N ALA A 227 3.67 27.28 -16.60
CA ALA A 227 3.71 26.14 -15.68
C ALA A 227 3.02 26.47 -14.35
N GLN A 228 2.49 25.43 -13.71
CA GLN A 228 1.66 25.61 -12.52
C GLN A 228 1.87 24.42 -11.57
N LEU A 229 1.88 24.72 -10.27
CA LEU A 229 2.02 23.69 -9.25
C LEU A 229 0.76 23.53 -8.42
N GLU A 230 0.53 22.32 -7.90
CA GLU A 230 -0.70 21.98 -7.20
C GLU A 230 -0.44 21.11 -5.98
N ASN A 231 -1.32 21.18 -4.99
CA ASN A 231 -1.32 20.21 -3.90
C ASN A 231 -1.72 18.81 -4.40
N TYR A 232 -1.60 17.84 -3.50
CA TYR A 232 -2.06 16.47 -3.73
C TYR A 232 -3.55 16.38 -3.40
N GLY A 233 -4.39 16.05 -4.37
CA GLY A 233 -4.04 15.99 -5.79
C GLY A 233 -4.84 17.05 -6.54
N GLY A 234 -4.99 18.21 -5.89
CA GLY A 234 -5.80 19.31 -6.39
C GLY A 234 -6.70 19.86 -5.29
N ALA A 235 -6.46 19.40 -4.06
CA ALA A 235 -7.27 19.75 -2.89
C ALA A 235 -6.60 20.84 -2.05
N PRO A 236 -7.39 21.75 -1.46
CA PRO A 236 -6.83 22.82 -0.61
C PRO A 236 -6.20 22.27 0.66
N CYS A 237 -5.17 22.97 1.16
CA CYS A 237 -4.46 22.52 2.36
C CYS A 237 -5.37 22.50 3.58
N GLY A 238 -6.01 23.63 3.88
CA GLY A 238 -7.06 23.66 4.88
C GLY A 238 -8.43 23.84 4.24
N ASP A 239 -9.40 24.25 5.03
CA ASP A 239 -10.68 24.72 4.49
C ASP A 239 -10.84 26.22 4.81
N GLU A 240 -9.76 26.79 5.34
CA GLU A 240 -9.64 28.21 5.68
C GLU A 240 -8.83 28.93 4.58
N PRO A 241 -8.82 30.28 4.59
CA PRO A 241 -8.01 31.03 3.61
C PRO A 241 -6.54 30.62 3.59
N THR A 242 -5.91 30.60 4.76
CA THR A 242 -4.49 30.26 4.88
C THR A 242 -4.26 29.16 5.92
N VAL A 243 -3.00 28.77 6.09
CA VAL A 243 -2.58 27.81 7.12
C VAL A 243 -1.27 28.26 7.76
N SER A 244 -1.05 27.86 9.00
CA SER A 244 0.23 28.09 9.66
C SER A 244 1.33 27.25 9.00
N LEU A 245 2.57 27.69 9.20
CA LEU A 245 3.74 26.97 8.70
C LEU A 245 3.81 25.56 9.28
N ARG A 246 3.62 25.43 10.60
CA ARG A 246 3.60 24.09 11.20
C ARG A 246 2.57 23.19 10.55
N GLU A 247 1.36 23.71 10.34
CA GLU A 247 0.26 22.93 9.76
C GLU A 247 0.56 22.51 8.32
N ALA A 248 1.11 23.42 7.52
CA ALA A 248 1.50 23.12 6.15
C ALA A 248 2.66 22.10 6.10
N PHE A 249 3.58 22.23 7.06
CA PHE A 249 4.66 21.24 7.19
C PHE A 249 4.13 19.84 7.52
N VAL A 250 3.30 19.71 8.54
CA VAL A 250 2.90 18.37 8.99
C VAL A 250 1.94 17.66 8.02
N LYS A 251 1.20 18.43 7.24
CA LYS A 251 0.26 17.89 6.25
C LYS A 251 0.88 17.92 4.85
N SER A 252 2.13 18.39 4.78
CA SER A 252 2.93 18.40 3.55
C SER A 252 2.23 19.04 2.35
N CYS A 253 1.67 20.22 2.57
CA CYS A 253 1.05 21.00 1.49
C CYS A 253 2.12 21.62 0.60
N ASN A 254 1.84 21.67 -0.70
CA ASN A 254 2.85 22.10 -1.67
C ASN A 254 2.87 23.58 -1.94
N THR A 255 1.69 24.14 -2.21
CA THR A 255 1.54 25.55 -2.58
C THR A 255 2.07 26.47 -1.49
N ALA A 256 1.84 26.08 -0.23
CA ALA A 256 2.32 26.85 0.91
C ALA A 256 3.85 26.97 0.86
N PHE A 257 4.51 25.87 0.46
CA PHE A 257 5.98 25.81 0.39
C PHE A 257 6.60 26.42 -0.85
N VAL A 258 5.91 26.29 -1.97
CA VAL A 258 6.21 27.08 -3.16
C VAL A 258 6.23 28.58 -2.76
N GLN A 259 5.18 29.02 -2.05
CA GLN A 259 5.06 30.43 -1.58
C GLN A 259 6.10 30.78 -0.54
N LEU A 260 6.31 29.89 0.44
CA LEU A 260 7.35 30.10 1.43
C LEU A 260 8.74 30.26 0.80
N GLY A 261 9.11 29.33 -0.07
CA GLY A 261 10.44 29.31 -0.68
C GLY A 261 10.78 30.49 -1.57
N ILE A 262 9.77 31.00 -2.28
CA ILE A 262 9.95 32.14 -3.18
C ILE A 262 10.03 33.44 -2.36
N ARG A 263 9.26 33.50 -1.27
CA ARG A 263 9.31 34.60 -0.32
C ARG A 263 10.68 34.63 0.36
N THR A 264 11.22 33.44 0.67
CA THR A 264 12.55 33.30 1.30
C THR A 264 13.68 33.64 0.32
N GLY A 265 13.48 33.35 -0.97
CA GLY A 265 14.44 33.72 -2.01
C GLY A 265 15.52 32.69 -2.26
N ALA A 266 16.14 32.74 -3.43
CA ALA A 266 17.11 31.73 -3.91
C ALA A 266 18.38 31.63 -3.08
N ASP A 267 18.89 32.78 -2.63
CA ASP A 267 20.18 32.83 -1.93
C ASP A 267 20.12 32.20 -0.56
N ALA A 268 19.05 32.49 0.19
CA ALA A 268 18.82 31.84 1.47
C ALA A 268 18.65 30.32 1.34
N LEU A 269 17.98 29.88 0.27
CA LEU A 269 17.71 28.45 0.07
C LEU A 269 19.02 27.72 -0.29
N ARG A 270 19.76 28.25 -1.26
CA ARG A 270 21.10 27.78 -1.58
C ARG A 270 21.99 27.66 -0.34
N SER A 271 22.03 28.71 0.46
CA SER A 271 22.88 28.77 1.63
C SER A 271 22.50 27.73 2.69
N MET A 272 21.22 27.50 2.88
CA MET A 272 20.80 26.47 3.83
C MET A 272 21.09 25.06 3.26
N ALA A 273 20.95 24.92 1.95
CA ALA A 273 21.26 23.67 1.25
C ALA A 273 22.73 23.30 1.40
N ARG A 274 23.63 24.26 1.21
CA ARG A 274 25.06 24.05 1.43
C ARG A 274 25.35 23.79 2.91
N ALA A 275 24.65 24.51 3.81
CA ALA A 275 24.86 24.31 5.25
C ALA A 275 24.53 22.87 5.67
N PHE A 276 23.65 22.22 4.90
CA PHE A 276 23.22 20.84 5.15
C PHE A 276 23.91 19.84 4.21
N GLY A 277 25.02 20.27 3.60
CA GLY A 277 25.88 19.39 2.87
C GLY A 277 25.66 19.25 1.39
N LEU A 278 24.75 20.06 0.83
CA LEU A 278 24.52 20.00 -0.61
C LEU A 278 25.52 20.87 -1.32
N ASP A 279 25.95 20.42 -2.51
CA ASP A 279 26.92 21.16 -3.33
C ASP A 279 28.22 21.34 -2.56
N SER A 280 28.49 20.38 -1.70
CA SER A 280 29.66 20.35 -0.85
C SER A 280 30.33 19.00 -1.04
N PRO A 281 31.60 19.00 -1.50
CA PRO A 281 32.28 17.74 -1.85
C PRO A 281 32.35 16.79 -0.65
N PRO A 282 31.75 15.59 -0.74
CA PRO A 282 31.72 14.70 0.42
C PRO A 282 33.10 14.11 0.72
N ARG A 283 33.41 13.98 2.01
CA ARG A 283 34.59 13.26 2.46
C ARG A 283 34.36 11.73 2.30
N PRO A 284 35.37 11.00 1.80
CA PRO A 284 35.31 9.54 1.75
C PRO A 284 34.97 8.99 3.12
N THR A 285 34.35 7.81 3.13
CA THR A 285 33.86 7.18 4.35
C THR A 285 34.57 5.93 4.89
N PRO A 286 35.54 5.33 4.17
CA PRO A 286 36.38 5.68 3.00
C PRO A 286 35.76 5.48 1.61
N LEU A 287 34.54 4.97 1.53
CA LEU A 287 33.90 4.83 0.22
C LEU A 287 33.51 6.20 -0.28
N GLN A 288 33.58 6.39 -1.58
CA GLN A 288 33.26 7.66 -2.20
C GLN A 288 31.75 7.81 -2.30
N VAL A 289 31.28 9.02 -1.98
CA VAL A 289 29.85 9.33 -1.99
C VAL A 289 29.61 10.33 -3.12
N ALA A 290 28.63 10.06 -3.99
CA ALA A 290 28.23 11.04 -5.01
C ALA A 290 27.83 12.38 -4.37
N GLU A 291 28.14 13.49 -5.05
CA GLU A 291 27.77 14.82 -4.54
C GLU A 291 26.27 15.08 -4.74
N SER A 292 25.64 15.64 -3.71
CA SER A 292 24.23 16.07 -3.79
C SER A 292 24.20 17.54 -4.17
N THR A 293 23.07 17.97 -4.73
CA THR A 293 22.95 19.33 -5.25
C THR A 293 21.54 19.90 -5.07
N VAL A 294 21.49 21.22 -4.90
CA VAL A 294 20.24 21.94 -4.84
C VAL A 294 19.87 22.37 -6.27
N GLY A 295 20.85 22.36 -7.16
CA GLY A 295 20.68 22.83 -8.54
C GLY A 295 21.06 24.30 -8.68
N PRO A 296 21.19 24.78 -9.93
CA PRO A 296 21.47 26.21 -10.16
C PRO A 296 20.37 27.17 -9.69
N ILE A 297 19.10 26.77 -9.80
CA ILE A 297 17.95 27.65 -9.54
C ILE A 297 18.08 28.93 -10.38
N PRO A 298 17.96 28.80 -11.72
CA PRO A 298 18.26 29.91 -12.61
C PRO A 298 17.17 30.98 -12.71
N ASP A 299 15.96 30.65 -12.24
CA ASP A 299 14.81 31.55 -12.28
C ASP A 299 13.83 31.25 -11.15
N SER A 300 12.74 32.00 -11.11
CA SER A 300 11.77 31.92 -10.02
C SER A 300 10.77 30.77 -10.18
N ALA A 301 10.55 30.31 -11.40
CA ALA A 301 9.82 29.06 -11.64
C ALA A 301 10.60 27.91 -11.01
N ALA A 302 11.91 27.85 -11.31
CA ALA A 302 12.82 26.88 -10.70
C ALA A 302 12.82 26.91 -9.18
N LEU A 303 12.79 28.11 -8.60
CA LEU A 303 12.81 28.28 -7.14
C LEU A 303 11.59 27.70 -6.42
N GLY A 304 10.41 27.92 -6.97
CA GLY A 304 9.18 27.29 -6.47
C GLY A 304 9.23 25.78 -6.53
N MET A 305 9.79 25.25 -7.61
CA MET A 305 9.95 23.80 -7.80
C MET A 305 11.03 23.17 -6.92
N THR A 306 12.11 23.91 -6.68
CA THR A 306 13.18 23.49 -5.75
C THR A 306 12.67 23.36 -4.32
N SER A 307 11.75 24.26 -3.94
CA SER A 307 11.23 24.38 -2.58
C SER A 307 10.52 23.15 -2.09
N ILE A 308 9.90 22.43 -3.02
CA ILE A 308 9.19 21.19 -2.74
C ILE A 308 9.96 19.94 -3.25
N GLY A 309 11.27 20.10 -3.45
CA GLY A 309 12.20 18.98 -3.68
C GLY A 309 12.36 18.50 -5.11
N GLN A 310 11.89 19.31 -6.05
CA GLN A 310 11.92 18.91 -7.46
C GLN A 310 12.90 19.75 -8.24
N LYS A 311 12.58 20.02 -9.52
CA LYS A 311 13.48 20.71 -10.46
C LYS A 311 14.85 19.99 -10.53
N ASP A 312 15.89 20.59 -9.98
CA ASP A 312 17.24 20.01 -10.10
C ASP A 312 17.81 19.52 -8.78
N VAL A 313 16.99 19.48 -7.73
CA VAL A 313 17.48 18.97 -6.45
C VAL A 313 17.65 17.45 -6.55
N ALA A 314 18.84 16.96 -6.19
CA ALA A 314 19.13 15.54 -6.19
C ALA A 314 20.06 15.21 -5.04
N LEU A 315 19.66 14.20 -4.25
CA LEU A 315 20.37 13.78 -3.03
C LEU A 315 20.65 12.30 -3.07
N THR A 316 21.76 11.87 -2.47
CA THR A 316 22.00 10.47 -2.17
C THR A 316 21.15 10.13 -0.96
N PRO A 317 20.71 8.86 -0.85
CA PRO A 317 20.09 8.47 0.42
C PRO A 317 20.92 8.79 1.67
N LEU A 318 22.25 8.66 1.59
CA LEU A 318 23.10 9.04 2.72
C LEU A 318 22.97 10.53 3.09
N ALA A 319 22.97 11.41 2.11
CA ALA A 319 22.86 12.86 2.35
C ALA A 319 21.54 13.18 3.08
N ASN A 320 20.46 12.49 2.69
CA ASN A 320 19.15 12.66 3.31
C ASN A 320 19.11 12.13 4.74
N ALA A 321 19.79 11.00 5.00
CA ALA A 321 19.95 10.50 6.36
C ALA A 321 20.77 11.48 7.25
N GLU A 322 21.74 12.17 6.64
CA GLU A 322 22.58 13.15 7.35
C GLU A 322 21.81 14.41 7.73
N ILE A 323 20.93 14.86 6.84
CA ILE A 323 19.99 15.94 7.16
C ILE A 323 19.21 15.59 8.44
N ALA A 324 18.66 14.39 8.48
CA ALA A 324 17.93 13.95 9.68
C ALA A 324 18.85 13.88 10.89
N ALA A 325 20.05 13.29 10.71
CA ALA A 325 21.04 13.20 11.79
C ALA A 325 21.55 14.54 12.31
N THR A 326 21.66 15.53 11.42
CA THR A 326 22.07 16.89 11.79
C THR A 326 21.02 17.56 12.71
N ILE A 327 19.73 17.43 12.36
CA ILE A 327 18.62 17.95 13.17
C ILE A 327 18.58 17.21 14.49
N ALA A 328 18.75 15.88 14.43
CA ALA A 328 18.79 15.04 15.63
C ALA A 328 19.93 15.39 16.57
N ASN A 329 21.04 15.82 15.99
CA ASN A 329 22.22 16.15 16.78
C ASN A 329 22.28 17.65 17.16
N GLY A 330 21.13 18.29 17.27
CA GLY A 330 21.03 19.70 17.70
C GLY A 330 21.52 20.76 16.72
N GLY A 331 21.77 20.37 15.47
CA GLY A 331 22.22 21.32 14.44
C GLY A 331 23.61 21.07 13.95
N ILE A 332 24.32 20.16 14.63
CA ILE A 332 25.72 19.84 14.29
C ILE A 332 25.85 18.54 13.46
N THR A 333 26.47 18.66 12.29
CA THR A 333 26.77 17.50 11.43
C THR A 333 28.03 16.77 11.87
N MET A 334 27.90 15.50 12.22
CA MET A 334 29.08 14.64 12.43
C MET A 334 29.47 14.00 11.10
N ARG A 335 30.76 13.90 10.83
CA ARG A 335 31.27 13.35 9.57
C ARG A 335 30.94 11.86 9.50
N PRO A 336 30.20 11.44 8.47
CA PRO A 336 29.83 10.01 8.40
C PRO A 336 31.05 9.15 8.14
N TYR A 337 31.21 8.05 8.88
CA TYR A 337 32.28 7.09 8.62
C TYR A 337 31.85 5.63 8.76
N LEU A 338 32.49 4.76 7.98
CA LEU A 338 32.13 3.34 7.90
C LEU A 338 33.06 2.40 8.67
N VAL A 339 34.31 2.84 8.88
CA VAL A 339 35.32 2.00 9.52
C VAL A 339 35.62 2.49 10.94
N GLY A 340 35.32 1.65 11.94
CA GLY A 340 35.57 2.02 13.33
C GLY A 340 37.04 1.90 13.70
N SER A 341 37.66 0.78 13.33
CA SER A 341 39.06 0.54 13.65
C SER A 341 39.71 -0.46 12.69
N LEU A 342 41.03 -0.37 12.56
CA LEU A 342 41.82 -1.31 11.79
C LEU A 342 42.73 -2.11 12.74
N LYS A 343 42.69 -3.44 12.61
CA LYS A 343 43.52 -4.35 13.42
C LYS A 343 44.62 -5.01 12.59
N GLY A 344 45.65 -5.51 13.28
CA GLY A 344 46.63 -6.40 12.69
C GLY A 344 46.20 -7.84 12.86
N PRO A 345 46.93 -8.79 12.25
CA PRO A 345 46.59 -10.22 12.36
C PRO A 345 46.51 -10.74 13.80
N ASP A 346 47.26 -10.11 14.70
CA ASP A 346 47.23 -10.44 16.13
C ASP A 346 45.99 -9.89 16.83
N LEU A 347 45.33 -8.93 16.18
CA LEU A 347 44.19 -8.15 16.71
C LEU A 347 44.62 -6.91 17.51
N ALA A 348 45.86 -6.49 17.32
CA ALA A 348 46.37 -5.23 17.86
C ALA A 348 45.88 -4.05 17.06
N ASN A 349 45.46 -3.00 17.76
CA ASN A 349 44.94 -1.76 17.17
C ASN A 349 45.99 -1.00 16.34
N ILE A 350 45.71 -0.86 15.05
CA ILE A 350 46.55 -0.08 14.14
C ILE A 350 46.01 1.34 14.05
N SER A 351 44.68 1.45 14.06
CA SER A 351 44.02 2.73 13.90
C SER A 351 42.63 2.68 14.55
N THR A 352 42.27 3.77 15.24
CA THR A 352 40.91 3.94 15.76
C THR A 352 40.37 5.26 15.22
N THR A 353 39.22 5.19 14.56
CA THR A 353 38.57 6.38 14.03
C THR A 353 38.02 7.24 15.17
N VAL A 354 38.26 8.54 15.10
CA VAL A 354 37.67 9.44 16.08
C VAL A 354 36.67 10.36 15.39
N ARG A 355 35.46 10.41 15.97
CA ARG A 355 34.36 11.20 15.43
C ARG A 355 34.75 12.67 15.28
N TYR A 356 34.20 13.31 14.25
CA TYR A 356 34.57 14.67 13.93
C TYR A 356 33.35 15.50 13.56
N GLN A 357 33.25 16.70 14.15
CA GLN A 357 32.16 17.62 13.86
C GLN A 357 32.44 18.37 12.56
N GLN A 358 31.64 18.11 11.52
CA GLN A 358 31.88 18.68 10.20
C GLN A 358 31.56 20.17 10.12
N ARG A 359 30.35 20.52 10.51
CA ARG A 359 29.92 21.92 10.56
C ARG A 359 28.61 22.05 11.32
N ARG A 360 28.32 23.27 11.78
CA ARG A 360 26.98 23.57 12.28
C ARG A 360 26.15 24.05 11.09
N ALA A 361 25.02 23.37 10.88
CA ALA A 361 24.10 23.72 9.80
C ALA A 361 23.09 24.78 10.28
N VAL A 362 22.55 24.57 11.47
CA VAL A 362 21.54 25.47 12.05
C VAL A 362 21.72 25.57 13.54
N SER A 363 21.13 26.63 14.11
CA SER A 363 21.18 26.91 15.55
C SER A 363 20.50 25.79 16.32
N PRO A 364 20.83 25.61 17.63
CA PRO A 364 20.10 24.63 18.41
C PRO A 364 18.59 24.94 18.40
N GLN A 365 18.25 26.23 18.23
CA GLN A 365 16.87 26.69 18.26
C GLN A 365 16.11 26.24 17.02
N VAL A 366 16.68 26.50 15.84
CA VAL A 366 16.08 26.05 14.58
C VAL A 366 15.95 24.51 14.53
N ALA A 367 17.02 23.81 14.93
CA ALA A 367 17.00 22.34 15.01
C ALA A 367 15.91 21.84 15.94
N ALA A 368 15.71 22.55 17.06
CA ALA A 368 14.64 22.22 18.01
C ALA A 368 13.26 22.43 17.37
N LYS A 369 13.12 23.55 16.65
CA LYS A 369 11.89 23.87 15.94
C LYS A 369 11.58 22.82 14.85
N LEU A 370 12.60 22.46 14.06
CA LEU A 370 12.44 21.43 13.02
C LEU A 370 12.05 20.08 13.62
N THR A 371 12.61 19.77 14.80
CA THR A 371 12.28 18.53 15.52
C THR A 371 10.79 18.45 15.90
N GLU A 372 10.28 19.53 16.51
CA GLU A 372 8.87 19.64 16.86
C GLU A 372 8.01 19.40 15.63
N LEU A 373 8.34 20.05 14.52
CA LEU A 373 7.54 19.93 13.30
C LEU A 373 7.55 18.48 12.77
N MET A 374 8.71 17.83 12.88
CA MET A 374 8.90 16.47 12.40
C MET A 374 8.19 15.46 13.30
N VAL A 375 8.17 15.71 14.61
CA VAL A 375 7.38 14.88 15.52
C VAL A 375 5.89 14.99 15.18
N GLY A 376 5.46 16.17 14.74
CA GLY A 376 4.09 16.39 14.30
C GLY A 376 3.80 15.69 12.99
N ALA A 377 4.72 15.79 12.03
CA ALA A 377 4.61 15.08 10.74
C ALA A 377 4.53 13.56 10.89
N GLU A 378 5.25 12.98 11.84
CA GLU A 378 5.17 11.53 12.13
C GLU A 378 3.80 11.09 12.66
N LYS A 379 3.21 11.91 13.53
CA LYS A 379 1.87 11.63 14.06
C LYS A 379 0.77 11.62 12.99
N VAL A 380 0.82 12.61 12.09
CA VAL A 380 -0.08 12.71 10.94
C VAL A 380 0.07 11.51 10.00
N ALA A 381 1.30 11.01 9.86
CA ALA A 381 1.65 9.92 8.94
C ALA A 381 0.93 8.59 9.23
N GLN A 382 0.90 7.70 8.23
CA GLN A 382 0.41 6.33 8.42
C GLN A 382 1.23 5.68 9.53
N GLN A 383 0.58 4.94 10.41
CA GLN A 383 1.23 4.49 11.64
C GLN A 383 1.73 3.03 11.64
N LYS A 384 1.70 2.37 10.48
CA LYS A 384 2.13 0.97 10.41
C LYS A 384 3.57 0.84 10.91
N GLY A 385 3.76 0.02 11.94
CA GLY A 385 5.08 -0.24 12.51
C GLY A 385 5.50 0.68 13.66
N ALA A 386 4.59 1.51 14.14
CA ALA A 386 4.87 2.44 15.24
C ALA A 386 5.36 1.70 16.48
N ILE A 387 6.27 2.34 17.22
CA ILE A 387 6.95 1.69 18.35
C ILE A 387 6.45 2.26 19.67
N PRO A 388 5.79 1.42 20.48
CA PRO A 388 5.18 1.85 21.74
C PRO A 388 6.20 2.50 22.68
N GLY A 389 5.87 3.69 23.18
CA GLY A 389 6.75 4.40 24.12
C GLY A 389 7.98 5.06 23.49
N VAL A 390 8.10 4.93 22.17
CA VAL A 390 9.15 5.61 21.43
C VAL A 390 8.55 6.70 20.55
N GLN A 391 9.06 7.92 20.71
CA GLN A 391 8.67 9.04 19.85
C GLN A 391 9.63 9.18 18.65
N ILE A 392 9.06 9.19 17.46
CA ILE A 392 9.82 9.32 16.23
C ILE A 392 9.58 10.69 15.60
N ALA A 393 10.65 11.37 15.20
CA ALA A 393 10.51 12.56 14.37
C ALA A 393 10.78 12.16 12.92
N SER A 394 9.92 12.55 12.00
CA SER A 394 10.08 12.15 10.61
C SER A 394 9.56 13.13 9.57
N LYS A 395 9.98 12.91 8.33
CA LYS A 395 9.38 13.49 7.15
C LYS A 395 9.25 12.42 6.05
N THR A 396 8.00 12.08 5.72
CA THR A 396 7.68 11.23 4.58
C THR A 396 7.61 12.08 3.32
N GLY A 397 7.60 11.44 2.16
CA GLY A 397 7.44 12.16 0.91
C GLY A 397 7.51 11.32 -0.35
N THR A 398 7.13 11.94 -1.46
CA THR A 398 7.27 11.35 -2.79
C THR A 398 8.12 12.26 -3.65
N ALA A 399 8.63 11.73 -4.75
CA ALA A 399 9.46 12.51 -5.68
C ALA A 399 9.29 12.03 -7.11
N GLU A 400 8.99 12.97 -7.99
CA GLU A 400 8.87 12.69 -9.42
C GLU A 400 10.24 12.80 -10.06
N HIS A 401 10.45 12.05 -11.13
CA HIS A 401 11.77 11.86 -11.74
C HIS A 401 11.64 11.56 -13.23
N GLY A 402 12.73 11.77 -13.98
CA GLY A 402 12.80 11.47 -15.42
C GLY A 402 11.91 12.35 -16.29
N THR A 403 11.32 11.75 -17.32
CA THR A 403 10.31 12.45 -18.15
C THR A 403 8.96 11.74 -18.11
N THR A 408 5.77 7.90 -15.19
CA THR A 408 6.62 7.17 -14.25
C THR A 408 6.08 7.28 -12.82
N PRO A 409 6.09 6.15 -12.07
CA PRO A 409 5.77 6.15 -10.62
C PRO A 409 6.81 6.90 -9.77
N PRO A 410 6.34 7.85 -8.94
CA PRO A 410 7.26 8.58 -8.06
C PRO A 410 8.03 7.70 -7.05
N HIS A 411 9.20 8.18 -6.64
CA HIS A 411 9.97 7.55 -5.55
C HIS A 411 9.27 7.75 -4.21
N ALA A 412 9.52 6.84 -3.28
CA ALA A 412 9.00 6.97 -1.91
C ALA A 412 10.14 7.20 -0.93
N TRP A 413 10.08 8.30 -0.18
CA TRP A 413 11.11 8.62 0.83
C TRP A 413 10.56 8.61 2.24
N TYR A 414 11.42 8.28 3.21
CA TYR A 414 11.16 8.49 4.64
C TYR A 414 12.51 8.82 5.29
N ILE A 415 12.57 9.95 5.97
CA ILE A 415 13.74 10.30 6.79
C ILE A 415 13.25 10.46 8.23
N ALA A 416 14.03 9.99 9.18
CA ALA A 416 13.57 10.01 10.55
C ALA A 416 14.71 9.89 11.55
N PHE A 417 14.42 10.28 12.79
CA PHE A 417 15.30 10.01 13.91
C PHE A 417 14.51 9.68 15.17
N ALA A 418 15.14 8.97 16.11
CA ALA A 418 14.44 8.51 17.31
C ALA A 418 15.41 8.02 18.38
N PRO A 419 15.00 8.09 19.67
CA PRO A 419 13.84 8.81 20.19
C PRO A 419 14.01 10.31 19.96
N ALA A 420 12.93 11.01 19.60
CA ALA A 420 13.04 12.42 19.21
C ALA A 420 13.66 13.31 20.30
N GLN A 421 13.45 12.90 21.56
CA GLN A 421 13.89 13.64 22.74
C GLN A 421 15.39 13.55 23.00
N ALA A 422 15.96 12.37 22.74
CA ALA A 422 17.40 12.13 22.83
C ALA A 422 17.76 11.01 21.84
N PRO A 423 17.96 11.39 20.56
CA PRO A 423 18.08 10.45 19.43
C PRO A 423 19.33 9.56 19.45
N LYS A 424 19.13 8.27 19.16
CA LYS A 424 20.22 7.28 19.07
C LYS A 424 20.49 6.87 17.63
N VAL A 425 19.51 7.11 16.76
CA VAL A 425 19.54 6.67 15.38
C VAL A 425 18.81 7.66 14.48
N ALA A 426 19.35 7.85 13.28
CA ALA A 426 18.66 8.54 12.20
C ALA A 426 18.65 7.62 10.97
N VAL A 427 17.56 7.62 10.20
CA VAL A 427 17.46 6.79 9.01
C VAL A 427 17.00 7.58 7.79
N ALA A 428 17.38 7.10 6.61
CA ALA A 428 16.74 7.49 5.35
C ALA A 428 16.31 6.21 4.61
N VAL A 429 15.05 6.20 4.15
CA VAL A 429 14.54 5.08 3.36
C VAL A 429 14.17 5.65 1.99
N LEU A 430 14.72 5.06 0.93
CA LEU A 430 14.29 5.40 -0.40
C LEU A 430 13.77 4.14 -1.11
N VAL A 431 12.52 4.20 -1.55
CA VAL A 431 11.96 3.10 -2.36
C VAL A 431 11.75 3.65 -3.76
N GLU A 432 12.61 3.23 -4.68
CA GLU A 432 12.47 3.64 -6.08
C GLU A 432 11.13 3.18 -6.68
N ASN A 433 10.34 4.14 -7.18
CA ASN A 433 8.99 3.93 -7.75
C ASN A 433 7.93 3.46 -6.74
N GLY A 434 8.19 3.69 -5.46
CA GLY A 434 7.35 3.13 -4.39
C GLY A 434 6.16 3.95 -3.91
N ALA A 435 5.87 5.07 -4.58
CA ALA A 435 4.80 5.95 -4.12
C ALA A 435 3.44 5.48 -4.60
N ASP A 436 2.46 5.45 -3.70
CA ASP A 436 1.10 5.05 -4.07
C ASP A 436 0.25 6.27 -4.45
N ARG A 437 -1.08 6.12 -4.46
CA ARG A 437 -1.95 7.22 -4.86
C ARG A 437 -3.27 7.24 -4.08
N ALA A 444 3.43 5.40 3.13
CA ALA A 444 2.72 4.11 3.08
C ALA A 444 3.66 2.92 2.89
N LEU A 445 4.60 3.03 1.94
CA LEU A 445 5.59 1.97 1.72
C LEU A 445 6.94 2.22 2.40
N ALA A 446 7.45 3.44 2.28
CA ALA A 446 8.75 3.80 2.86
C ALA A 446 8.75 3.84 4.39
N ALA A 447 7.70 4.37 5.01
CA ALA A 447 7.68 4.58 6.46
C ALA A 447 7.78 3.32 7.35
N PRO A 448 6.94 2.29 7.10
CA PRO A 448 7.14 1.03 7.83
C PRO A 448 8.56 0.46 7.69
N ILE A 449 9.21 0.68 6.56
CA ILE A 449 10.61 0.21 6.39
C ILE A 449 11.51 0.98 7.36
N GLY A 450 11.38 2.31 7.34
CA GLY A 450 12.10 3.17 8.26
C GLY A 450 11.97 2.77 9.72
N ARG A 451 10.74 2.44 10.13
CA ARG A 451 10.41 2.13 11.52
C ARG A 451 10.91 0.78 12.01
N ALA A 452 10.96 -0.22 11.13
CA ALA A 452 11.61 -1.49 11.40
C ALA A 452 13.13 -1.34 11.63
N VAL A 453 13.76 -0.50 10.83
CA VAL A 453 15.18 -0.16 11.04
C VAL A 453 15.37 0.56 12.40
N ILE A 454 14.55 1.57 12.67
CA ILE A 454 14.60 2.26 13.96
C ILE A 454 14.39 1.29 15.14
N GLU A 455 13.35 0.47 15.06
CA GLU A 455 13.04 -0.47 16.12
C GLU A 455 14.20 -1.44 16.37
N ALA A 456 14.74 -2.00 15.29
CA ALA A 456 15.96 -2.84 15.40
C ALA A 456 17.12 -2.09 16.07
N ALA A 457 17.28 -0.81 15.77
CA ALA A 457 18.32 0.02 16.39
C ALA A 457 18.13 0.20 17.89
N LEU A 458 16.88 0.34 18.32
CA LEU A 458 16.58 0.66 19.72
C LEU A 458 16.41 -0.56 20.63
N GLN A 459 16.33 -1.75 20.04
CA GLN A 459 16.29 -3.03 20.79
C GLN A 459 17.23 -3.05 21.98
N ASP B 17 -45.88 14.54 17.44
CA ASP B 17 -47.17 13.83 17.20
C ASP B 17 -46.93 12.39 16.71
N GLU B 18 -46.27 12.25 15.55
CA GLU B 18 -45.79 10.94 15.11
C GLU B 18 -44.59 10.51 15.95
N TYR B 19 -43.97 11.49 16.61
CA TYR B 19 -42.83 11.25 17.50
C TYR B 19 -43.25 10.94 18.94
N SER B 20 -44.56 10.98 19.20
CA SER B 20 -45.11 10.57 20.50
C SER B 20 -45.26 9.05 20.61
N ARG B 21 -45.23 8.35 19.48
CA ARG B 21 -45.34 6.88 19.39
C ARG B 21 -43.99 6.23 19.09
N GLN B 22 -43.61 5.24 19.89
CA GLN B 22 -42.28 4.65 19.80
C GLN B 22 -42.05 3.81 18.55
N ARG B 23 -41.20 4.32 17.66
CA ARG B 23 -40.78 3.62 16.45
C ARG B 23 -40.08 2.31 16.83
N GLY B 24 -40.34 1.24 16.06
CA GLY B 24 -39.73 -0.06 16.30
C GLY B 24 -38.24 -0.15 16.02
N GLN B 25 -37.66 -1.31 16.32
CA GLN B 25 -36.20 -1.55 16.17
C GLN B 25 -35.83 -2.19 14.83
N ILE B 26 -34.65 -1.84 14.32
CA ILE B 26 -33.98 -2.60 13.26
C ILE B 26 -32.84 -3.36 13.95
N THR B 27 -32.75 -4.67 13.71
CA THR B 27 -31.86 -5.53 14.48
C THR B 27 -31.01 -6.43 13.56
N ALA B 28 -29.93 -6.96 14.12
CA ALA B 28 -29.02 -7.86 13.42
C ALA B 28 -28.41 -8.81 14.43
N GLY B 29 -28.75 -10.08 14.33
CA GLY B 29 -28.23 -11.08 15.26
C GLY B 29 -28.55 -10.78 16.71
N GLY B 30 -29.73 -10.21 16.96
CA GLY B 30 -30.18 -9.87 18.31
C GLY B 30 -29.53 -8.63 18.90
N GLN B 31 -28.91 -7.79 18.06
CA GLN B 31 -28.35 -6.51 18.50
C GLN B 31 -29.10 -5.42 17.76
N LEU B 32 -29.23 -4.26 18.40
CA LEU B 32 -29.96 -3.13 17.83
C LEU B 32 -29.12 -2.30 16.89
N LEU B 33 -29.67 -2.02 15.71
CA LEU B 33 -29.00 -1.16 14.73
C LEU B 33 -29.61 0.23 14.70
N ALA B 34 -30.90 0.30 15.03
CA ALA B 34 -31.63 1.54 15.15
C ALA B 34 -32.77 1.28 16.12
N TYR B 35 -32.95 2.19 17.09
CA TYR B 35 -34.04 2.09 18.05
C TYR B 35 -34.45 3.50 18.48
N SER B 36 -35.56 3.60 19.19
CA SER B 36 -36.12 4.88 19.61
C SER B 36 -36.10 5.03 21.13
N VAL B 37 -35.66 6.20 21.59
CA VAL B 37 -35.55 6.50 23.02
C VAL B 37 -36.57 7.58 23.39
N ALA B 38 -37.26 7.38 24.52
CA ALA B 38 -38.25 8.34 25.05
C ALA B 38 -37.52 9.46 25.80
N THR B 39 -37.80 10.72 25.46
CA THR B 39 -37.12 11.88 26.03
C THR B 39 -38.14 12.91 26.58
N ASP B 40 -37.64 14.03 27.11
CA ASP B 40 -38.50 15.14 27.54
C ASP B 40 -38.71 16.18 26.43
N GLY B 41 -38.30 15.86 25.21
CA GLY B 41 -38.45 16.79 24.10
C GLY B 41 -39.87 17.00 23.62
N ARG B 42 -40.05 18.10 22.90
CA ARG B 42 -41.33 18.43 22.26
C ARG B 42 -41.78 17.24 21.38
N PHE B 43 -40.89 16.79 20.51
CA PHE B 43 -41.00 15.48 19.88
C PHE B 43 -40.38 14.49 20.86
N ARG B 44 -41.19 13.53 21.30
CA ARG B 44 -40.86 12.67 22.43
C ARG B 44 -39.70 11.70 22.18
N PHE B 45 -39.71 11.05 21.02
CA PHE B 45 -38.76 9.97 20.73
C PHE B 45 -37.59 10.39 19.88
N LEU B 46 -36.39 10.14 20.36
CA LEU B 46 -35.20 10.33 19.52
C LEU B 46 -34.76 9.01 18.88
N ARG B 47 -34.63 9.02 17.55
CA ARG B 47 -33.99 7.90 16.83
C ARG B 47 -32.50 7.77 17.17
N VAL B 48 -32.09 6.57 17.59
CA VAL B 48 -30.71 6.26 17.95
C VAL B 48 -30.12 5.12 17.10
N TYR B 49 -28.86 5.31 16.67
CA TYR B 49 -28.10 4.35 15.88
C TYR B 49 -26.79 4.06 16.60
N PRO B 50 -26.71 2.95 17.36
CA PRO B 50 -25.52 2.84 18.23
C PRO B 50 -24.18 2.47 17.58
N ASN B 51 -24.19 1.98 16.34
CA ASN B 51 -22.96 1.76 15.55
C ASN B 51 -23.19 2.39 14.18
N PRO B 52 -23.19 3.73 14.13
CA PRO B 52 -23.83 4.49 13.05
C PRO B 52 -23.21 4.33 11.65
N GLU B 53 -21.89 4.52 11.52
CA GLU B 53 -21.25 4.51 10.20
C GLU B 53 -21.25 3.11 9.61
N VAL B 54 -21.04 2.13 10.47
CA VAL B 54 -20.91 0.75 10.06
C VAL B 54 -22.21 0.30 9.42
N TYR B 55 -23.34 0.71 10.01
CA TYR B 55 -24.65 0.16 9.63
C TYR B 55 -25.51 1.09 8.80
N ALA B 56 -24.98 2.25 8.45
CA ALA B 56 -25.75 3.24 7.70
C ALA B 56 -26.26 2.76 6.33
N PRO B 57 -25.50 1.89 5.61
CA PRO B 57 -26.05 1.34 4.35
C PRO B 57 -27.27 0.45 4.54
N VAL B 58 -27.35 -0.18 5.70
CA VAL B 58 -28.44 -1.05 6.13
C VAL B 58 -29.61 -0.26 6.76
N THR B 59 -29.32 0.58 7.76
CA THR B 59 -30.39 1.33 8.45
C THR B 59 -30.93 2.50 7.64
N GLY B 60 -30.05 3.24 6.96
CA GLY B 60 -30.37 4.55 6.42
C GLY B 60 -30.58 5.55 7.57
N PHE B 61 -31.25 6.66 7.32
CA PHE B 61 -31.59 7.57 8.40
C PHE B 61 -33.12 7.76 8.55
N TYR B 62 -33.53 8.21 9.72
CA TYR B 62 -34.90 8.63 9.95
C TYR B 62 -34.80 10.05 10.50
N SER B 63 -35.33 11.02 9.77
CA SER B 63 -35.06 12.42 10.05
C SER B 63 -36.32 13.26 10.08
N LEU B 64 -36.40 14.18 11.05
CA LEU B 64 -37.48 15.15 11.14
C LEU B 64 -37.57 15.97 9.85
N ARG B 65 -36.44 16.55 9.45
CA ARG B 65 -36.38 17.42 8.28
C ARG B 65 -36.37 16.69 6.94
N TYR B 66 -35.60 15.60 6.86
CA TYR B 66 -35.24 15.02 5.56
C TYR B 66 -35.76 13.60 5.30
N SER B 67 -36.84 13.24 5.98
CA SER B 67 -37.50 11.95 5.80
C SER B 67 -36.56 10.77 6.06
N SER B 68 -36.67 9.70 5.27
CA SER B 68 -35.96 8.45 5.55
C SER B 68 -35.29 7.83 4.33
N THR B 69 -34.31 6.95 4.58
CA THR B 69 -33.66 6.16 3.53
C THR B 69 -33.50 4.71 3.96
N ALA B 70 -33.01 3.88 3.05
CA ALA B 70 -32.73 2.45 3.28
C ALA B 70 -33.88 1.71 3.97
N LEU B 71 -33.60 0.96 5.03
CA LEU B 71 -34.65 0.17 5.70
C LEU B 71 -35.61 1.00 6.54
N GLU B 72 -35.18 2.17 7.01
CA GLU B 72 -36.07 3.11 7.68
C GLU B 72 -37.19 3.50 6.72
N ARG B 73 -36.83 3.73 5.45
CA ARG B 73 -37.81 4.06 4.43
C ARG B 73 -38.60 2.82 3.94
N ALA B 74 -37.88 1.76 3.61
CA ALA B 74 -38.46 0.54 3.05
C ALA B 74 -39.46 -0.11 3.99
N GLU B 75 -39.07 -0.22 5.27
CA GLU B 75 -39.91 -0.89 6.27
C GLU B 75 -40.64 0.09 7.20
N ASP B 76 -40.83 1.32 6.72
CA ASP B 76 -41.46 2.36 7.50
C ASP B 76 -42.84 1.97 8.10
N PRO B 77 -43.75 1.37 7.29
CA PRO B 77 -45.06 0.99 7.87
C PRO B 77 -44.96 0.07 9.09
N ILE B 78 -44.09 -0.94 9.04
CA ILE B 78 -43.87 -1.81 10.21
C ILE B 78 -43.25 -1.04 11.40
N LEU B 79 -42.21 -0.25 11.11
CA LEU B 79 -41.46 0.47 12.15
C LEU B 79 -42.30 1.52 12.85
N ASN B 80 -43.00 2.35 12.06
CA ASN B 80 -43.92 3.35 12.58
C ASN B 80 -45.30 2.80 13.04
N GLY B 81 -45.60 1.54 12.71
CA GLY B 81 -46.79 0.85 13.24
C GLY B 81 -48.09 1.00 12.47
N SER B 82 -48.05 1.66 11.31
CA SER B 82 -49.21 1.95 10.50
C SER B 82 -49.55 0.81 9.51
N ASP B 83 -48.66 -0.19 9.43
CA ASP B 83 -48.84 -1.34 8.55
C ASP B 83 -50.16 -2.06 8.87
N ARG B 84 -50.92 -2.43 7.82
CA ARG B 84 -52.25 -3.07 7.98
C ARG B 84 -52.21 -4.26 8.95
N ARG B 85 -51.17 -5.07 8.86
CA ARG B 85 -50.95 -6.24 9.71
C ARG B 85 -50.72 -5.92 11.19
N LEU B 86 -50.54 -4.64 11.52
CA LEU B 86 -50.38 -4.20 12.90
C LEU B 86 -51.59 -3.44 13.45
N PHE B 87 -52.64 -3.31 12.64
CA PHE B 87 -53.83 -2.58 13.05
C PHE B 87 -54.53 -3.15 14.29
N GLY B 88 -54.72 -4.47 14.32
CA GLY B 88 -55.38 -5.13 15.45
C GLY B 88 -54.61 -4.92 16.75
N ARG B 89 -53.28 -4.96 16.66
CA ARG B 89 -52.38 -4.71 17.77
C ARG B 89 -52.57 -3.27 18.29
N ARG B 90 -52.62 -2.33 17.36
CA ARG B 90 -52.78 -0.91 17.66
C ARG B 90 -54.11 -0.65 18.39
N LEU B 91 -55.17 -1.28 17.89
CA LEU B 91 -56.48 -1.24 18.53
C LEU B 91 -56.44 -1.77 19.96
N ALA B 92 -55.95 -3.02 20.13
CA ALA B 92 -55.87 -3.66 21.44
C ALA B 92 -55.03 -2.87 22.46
N ASP B 93 -53.89 -2.34 22.01
CA ASP B 93 -53.00 -1.54 22.88
C ASP B 93 -53.69 -0.29 23.40
N PHE B 94 -54.40 0.42 22.52
CA PHE B 94 -55.10 1.65 22.90
C PHE B 94 -56.28 1.36 23.86
N PHE B 95 -57.12 0.39 23.52
CA PHE B 95 -58.24 0.05 24.39
C PHE B 95 -57.86 -0.66 25.69
N THR B 96 -56.61 -1.12 25.78
CA THR B 96 -56.09 -1.68 27.03
C THR B 96 -55.13 -0.69 27.73
N GLY B 97 -54.97 0.49 27.14
CA GLY B 97 -54.13 1.54 27.71
C GLY B 97 -52.64 1.26 27.71
N ARG B 98 -52.16 0.52 26.71
CA ARG B 98 -50.72 0.25 26.59
C ARG B 98 -50.08 1.30 25.70
N ASP B 99 -48.98 1.88 26.17
CA ASP B 99 -48.23 2.81 25.35
C ASP B 99 -47.91 2.15 24.01
N PRO B 100 -48.19 2.85 22.90
CA PRO B 100 -48.04 2.28 21.56
C PRO B 100 -46.58 2.09 21.11
N ARG B 101 -46.38 1.15 20.18
CA ARG B 101 -45.04 0.82 19.66
C ARG B 101 -45.17 0.16 18.29
N GLY B 102 -44.28 0.54 17.36
CA GLY B 102 -44.20 -0.09 16.04
C GLY B 102 -43.58 -1.46 16.16
N GLY B 103 -43.49 -2.16 15.03
CA GLY B 103 -42.89 -3.48 15.01
C GLY B 103 -41.39 -3.45 14.74
N ASN B 104 -40.78 -4.64 14.78
CA ASN B 104 -39.34 -4.78 14.55
C ASN B 104 -39.02 -5.37 13.18
N VAL B 105 -37.81 -5.06 12.71
CA VAL B 105 -37.28 -5.60 11.47
C VAL B 105 -36.01 -6.36 11.85
N ASP B 106 -36.04 -7.68 11.69
CA ASP B 106 -34.83 -8.50 11.87
C ASP B 106 -34.14 -8.70 10.54
N THR B 107 -32.95 -8.10 10.40
CA THR B 107 -32.15 -8.21 9.19
C THR B 107 -31.40 -9.55 9.16
N THR B 108 -30.86 -9.88 7.99
CA THR B 108 -30.00 -11.06 7.82
C THR B 108 -28.50 -10.77 8.12
N ILE B 109 -28.17 -9.50 8.38
CA ILE B 109 -26.79 -9.06 8.70
C ILE B 109 -26.19 -9.79 9.91
N ASN B 110 -25.00 -10.33 9.74
CA ASN B 110 -24.22 -10.86 10.85
C ASN B 110 -23.24 -9.76 11.32
N PRO B 111 -23.41 -9.26 12.57
CA PRO B 111 -22.61 -8.15 13.09
C PRO B 111 -21.08 -8.37 13.03
N ARG B 112 -20.63 -9.60 13.31
CA ARG B 112 -19.21 -9.93 13.25
C ARG B 112 -18.65 -9.76 11.83
N ILE B 113 -19.44 -10.13 10.81
CA ILE B 113 -19.02 -10.02 9.41
C ILE B 113 -19.12 -8.60 8.87
N GLN B 114 -20.20 -7.90 9.23
CA GLN B 114 -20.33 -6.48 8.91
C GLN B 114 -19.16 -5.68 9.51
N GLN B 115 -18.89 -5.91 10.80
CA GLN B 115 -17.82 -5.20 11.50
C GLN B 115 -16.41 -5.52 10.95
N ALA B 116 -16.12 -6.79 10.66
CA ALA B 116 -14.84 -7.16 10.05
C ALA B 116 -14.65 -6.54 8.67
N GLY B 117 -15.76 -6.38 7.93
CA GLY B 117 -15.74 -5.72 6.63
C GLY B 117 -15.49 -4.22 6.69
N TRP B 118 -16.17 -3.55 7.62
CA TRP B 118 -15.97 -2.13 7.86
C TRP B 118 -14.53 -1.87 8.30
N ASP B 119 -14.08 -2.65 9.28
CA ASP B 119 -12.75 -2.52 9.87
C ASP B 119 -11.67 -2.76 8.84
N ALA B 120 -11.85 -3.78 8.00
CA ALA B 120 -10.88 -4.07 6.95
C ALA B 120 -10.84 -2.90 5.97
N MET B 121 -12.02 -2.35 5.66
CA MET B 121 -12.09 -1.20 4.75
C MET B 121 -11.50 0.11 5.33
N GLN B 122 -11.49 0.25 6.66
CA GLN B 122 -10.95 1.46 7.28
C GLN B 122 -9.42 1.44 7.45
N GLN B 123 -8.83 0.25 7.38
CA GLN B 123 -7.40 0.07 7.62
C GLN B 123 -6.64 -0.46 6.39
N GLY B 124 -7.37 -0.88 5.36
CA GLY B 124 -6.80 -1.71 4.30
C GLY B 124 -6.16 -1.00 3.13
N CYS B 125 -6.22 0.32 3.14
CA CYS B 125 -5.63 1.16 2.11
C CYS B 125 -4.61 2.13 2.70
N TYR B 126 -3.80 1.62 3.63
CA TYR B 126 -2.92 2.44 4.49
C TYR B 126 -3.76 3.58 5.07
N GLY B 127 -4.89 3.19 5.67
CA GLY B 127 -5.98 4.10 5.98
C GLY B 127 -7.25 3.64 5.28
N PRO B 128 -8.32 4.48 5.31
CA PRO B 128 -9.67 4.11 4.80
C PRO B 128 -9.75 3.94 3.28
N CYS B 129 -10.39 2.87 2.83
CA CYS B 129 -10.69 2.70 1.42
C CYS B 129 -12.04 3.31 1.08
N LYS B 130 -12.16 3.73 -0.18
CA LYS B 130 -13.43 4.06 -0.78
C LYS B 130 -13.87 2.82 -1.59
N GLY B 131 -15.10 2.36 -1.38
CA GLY B 131 -15.63 1.17 -2.07
C GLY B 131 -16.71 0.43 -1.28
N ALA B 132 -16.82 -0.88 -1.48
CA ALA B 132 -17.87 -1.68 -0.83
C ALA B 132 -17.39 -3.07 -0.49
N VAL B 133 -17.95 -3.64 0.57
CA VAL B 133 -17.86 -5.10 0.85
C VAL B 133 -19.26 -5.78 0.91
N VAL B 134 -19.47 -6.84 0.13
CA VAL B 134 -20.70 -7.65 0.27
C VAL B 134 -20.38 -9.10 0.62
N ALA B 135 -21.07 -9.63 1.63
CA ALA B 135 -21.01 -11.07 1.95
C ALA B 135 -22.37 -11.74 1.84
N LEU B 136 -22.39 -12.97 1.31
CA LEU B 136 -23.64 -13.70 1.13
C LEU B 136 -23.50 -15.15 1.61
N GLU B 137 -24.63 -15.71 2.02
CA GLU B 137 -24.74 -17.14 2.29
C GLU B 137 -25.23 -17.77 0.97
N PRO B 138 -24.35 -18.50 0.28
CA PRO B 138 -24.69 -19.07 -1.04
C PRO B 138 -25.95 -19.95 -1.11
N SER B 139 -26.20 -20.76 -0.08
CA SER B 139 -27.36 -21.68 -0.10
C SER B 139 -28.70 -21.01 0.17
N THR B 140 -28.69 -19.89 0.90
CA THR B 140 -29.94 -19.23 1.29
C THR B 140 -30.15 -17.91 0.57
N GLY B 141 -29.05 -17.18 0.37
CA GLY B 141 -29.15 -15.88 -0.28
C GLY B 141 -29.20 -14.74 0.71
N LYS B 142 -29.10 -15.05 2.01
CA LYS B 142 -28.99 -14.02 3.05
C LYS B 142 -27.84 -13.05 2.76
N ILE B 143 -28.11 -11.75 2.89
CA ILE B 143 -27.05 -10.73 2.84
C ILE B 143 -26.46 -10.64 4.25
N LEU B 144 -25.23 -11.16 4.40
CA LEU B 144 -24.57 -11.24 5.70
C LEU B 144 -23.80 -9.97 6.04
N ALA B 145 -23.42 -9.23 5.02
CA ALA B 145 -22.74 -7.95 5.22
C ALA B 145 -23.01 -7.06 4.04
N LEU B 146 -23.23 -5.78 4.33
CA LEU B 146 -23.46 -4.79 3.30
C LEU B 146 -22.69 -3.54 3.72
N VAL B 147 -21.45 -3.45 3.27
CA VAL B 147 -20.53 -2.41 3.74
C VAL B 147 -20.25 -1.41 2.63
N SER B 148 -20.29 -0.12 2.97
CA SER B 148 -19.95 0.96 2.04
C SER B 148 -19.05 1.97 2.73
N SER B 149 -18.02 2.45 2.02
CA SER B 149 -17.02 3.35 2.57
C SER B 149 -16.66 4.43 1.53
N PRO B 150 -16.64 5.72 1.94
CA PRO B 150 -16.87 6.22 3.30
C PRO B 150 -18.35 6.15 3.66
N SER B 151 -18.64 6.24 4.95
CA SER B 151 -20.02 6.21 5.45
C SER B 151 -20.36 7.49 6.22
N TYR B 152 -21.53 7.54 6.86
CA TYR B 152 -21.95 8.75 7.59
C TYR B 152 -22.67 8.35 8.87
N ASP B 153 -22.89 9.34 9.74
CA ASP B 153 -23.55 9.16 11.03
C ASP B 153 -25.05 9.56 10.90
N PRO B 154 -25.96 8.56 10.84
CA PRO B 154 -27.39 8.93 10.82
C PRO B 154 -27.89 9.69 12.07
N ASN B 155 -27.22 9.53 13.21
CA ASN B 155 -27.50 10.33 14.43
C ASN B 155 -27.54 11.84 14.21
N LEU B 156 -26.78 12.32 13.25
CA LEU B 156 -26.80 13.74 12.88
C LEU B 156 -28.12 14.16 12.22
N LEU B 157 -28.64 13.31 11.35
CA LEU B 157 -29.91 13.63 10.68
C LEU B 157 -31.10 13.31 11.59
N ALA B 158 -30.89 12.42 12.55
CA ALA B 158 -31.88 12.08 13.59
C ALA B 158 -32.02 13.14 14.68
N SER B 159 -31.27 14.23 14.57
CA SER B 159 -31.25 15.27 15.60
C SER B 159 -32.54 16.12 15.60
N HIS B 160 -33.00 16.48 16.81
CA HIS B 160 -34.17 17.35 16.98
C HIS B 160 -33.82 18.84 16.84
N ASN B 161 -32.54 19.14 16.76
CA ASN B 161 -32.06 20.48 16.44
C ASN B 161 -32.05 20.63 14.91
N PRO B 162 -32.80 21.61 14.37
CA PRO B 162 -32.87 21.75 12.91
C PRO B 162 -31.58 22.26 12.28
N GLU B 163 -30.80 23.05 13.01
CA GLU B 163 -29.49 23.52 12.51
C GLU B 163 -28.47 22.39 12.41
N VAL B 164 -28.49 21.47 13.38
CA VAL B 164 -27.65 20.28 13.35
C VAL B 164 -27.98 19.41 12.12
N GLN B 165 -29.28 19.25 11.84
CA GLN B 165 -29.74 18.53 10.66
C GLN B 165 -29.33 19.22 9.36
N ALA B 166 -29.58 20.52 9.26
CA ALA B 166 -29.28 21.28 8.05
C ALA B 166 -27.77 21.31 7.69
N GLN B 167 -26.92 21.50 8.70
CA GLN B 167 -25.47 21.56 8.51
C GLN B 167 -24.90 20.20 8.09
N ALA B 168 -25.45 19.13 8.67
CA ALA B 168 -25.12 17.76 8.29
C ALA B 168 -25.52 17.46 6.84
N TRP B 169 -26.73 17.87 6.46
CA TRP B 169 -27.24 17.75 5.10
C TRP B 169 -26.38 18.47 4.05
N GLN B 170 -25.97 19.71 4.36
CA GLN B 170 -25.12 20.50 3.47
C GLN B 170 -23.72 19.88 3.31
N ARG B 171 -23.16 19.39 4.42
CA ARG B 171 -21.83 18.80 4.43
C ARG B 171 -21.75 17.48 3.66
N LEU B 172 -22.78 16.65 3.78
CA LEU B 172 -22.85 15.37 3.05
C LEU B 172 -23.09 15.61 1.58
N GLY B 173 -24.02 16.52 1.28
CA GLY B 173 -24.28 16.97 -0.09
C GLY B 173 -23.08 17.57 -0.82
N ASP B 174 -22.24 18.29 -0.09
CA ASP B 174 -21.10 18.97 -0.70
C ASP B 174 -19.82 18.11 -0.75
N ASN B 175 -19.81 17.02 0.03
CA ASN B 175 -18.68 16.09 0.09
C ASN B 175 -18.55 15.28 -1.22
N PRO B 176 -17.40 15.45 -1.92
CA PRO B 176 -17.20 14.81 -3.24
C PRO B 176 -17.07 13.27 -3.23
N ALA B 177 -16.71 12.70 -2.08
CA ALA B 177 -16.65 11.25 -1.91
C ALA B 177 -18.05 10.63 -1.68
N SER B 178 -19.06 11.49 -1.57
CA SER B 178 -20.48 11.09 -1.47
C SER B 178 -20.78 9.94 -0.49
N PRO B 179 -20.61 10.17 0.82
CA PRO B 179 -20.85 9.11 1.82
C PRO B 179 -22.32 8.64 1.98
N LEU B 180 -23.26 9.42 1.45
CA LEU B 180 -24.67 9.03 1.46
C LEU B 180 -24.93 7.83 0.54
N THR B 181 -24.09 7.68 -0.50
CA THR B 181 -24.22 6.62 -1.51
C THR B 181 -23.93 5.25 -0.93
N ASN B 182 -24.83 4.31 -1.16
CA ASN B 182 -24.55 2.91 -0.82
C ASN B 182 -23.86 2.28 -2.02
N ARG B 183 -22.52 2.23 -1.99
CA ARG B 183 -21.72 1.71 -3.11
C ARG B 183 -21.94 0.21 -3.37
N ALA B 184 -22.32 -0.53 -2.33
CA ALA B 184 -22.64 -1.95 -2.44
C ALA B 184 -23.74 -2.30 -3.46
N ILE B 185 -24.74 -1.42 -3.59
CA ILE B 185 -25.95 -1.75 -4.38
C ILE B 185 -26.41 -0.66 -5.35
N SER B 186 -25.93 0.56 -5.15
CA SER B 186 -26.39 1.73 -5.92
C SER B 186 -25.42 2.16 -7.01
N GLU B 187 -24.18 1.71 -6.90
CA GLU B 187 -23.19 2.05 -7.90
C GLU B 187 -22.71 0.82 -8.70
N THR B 188 -22.44 1.04 -9.99
CA THR B 188 -21.84 0.03 -10.86
C THR B 188 -20.44 0.44 -11.29
N TYR B 189 -19.59 -0.59 -11.48
CA TYR B 189 -18.17 -0.44 -11.79
C TYR B 189 -17.79 -1.47 -12.85
N PRO B 190 -16.84 -1.14 -13.74
CA PRO B 190 -16.29 -2.22 -14.58
C PRO B 190 -15.76 -3.36 -13.69
N PRO B 191 -16.15 -4.63 -14.00
CA PRO B 191 -15.66 -5.76 -13.22
C PRO B 191 -14.21 -6.14 -13.57
N GLY B 192 -13.70 -5.65 -14.68
CA GLY B 192 -12.36 -5.99 -15.14
C GLY B 192 -12.15 -7.49 -15.18
N SER B 193 -11.05 -7.94 -14.56
CA SER B 193 -10.58 -9.33 -14.65
C SER B 193 -11.53 -10.35 -14.04
N THR B 194 -12.39 -9.89 -13.12
CA THR B 194 -13.35 -10.81 -12.48
C THR B 194 -14.41 -11.32 -13.47
N PHE B 195 -14.64 -10.59 -14.55
CA PHE B 195 -15.63 -10.97 -15.54
C PHE B 195 -15.19 -12.18 -16.39
N LYS B 196 -13.90 -12.52 -16.30
CA LYS B 196 -13.35 -13.72 -16.92
C LYS B 196 -14.02 -14.98 -16.39
N VAL B 197 -14.61 -14.88 -15.19
CA VAL B 197 -15.44 -15.95 -14.66
C VAL B 197 -16.64 -16.22 -15.60
N ILE B 198 -17.22 -15.14 -16.12
CA ILE B 198 -18.36 -15.22 -17.04
C ILE B 198 -17.93 -15.68 -18.43
N THR B 199 -16.83 -15.14 -18.94
CA THR B 199 -16.30 -15.58 -20.23
C THR B 199 -15.98 -17.08 -20.22
N THR B 200 -15.35 -17.53 -19.14
CA THR B 200 -14.99 -18.95 -18.96
C THR B 200 -16.26 -19.81 -18.89
N ALA B 201 -17.27 -19.35 -18.15
CA ALA B 201 -18.51 -20.09 -18.01
C ALA B 201 -19.20 -20.24 -19.37
N ALA B 202 -19.19 -19.19 -20.16
CA ALA B 202 -19.73 -19.24 -21.50
C ALA B 202 -18.97 -20.25 -22.39
N ALA B 203 -17.64 -20.31 -22.23
CA ALA B 203 -16.83 -21.28 -22.95
C ALA B 203 -17.08 -22.71 -22.45
N LEU B 204 -17.10 -22.89 -21.13
CA LEU B 204 -17.35 -24.19 -20.52
C LEU B 204 -18.73 -24.74 -20.88
N ALA B 205 -19.74 -23.88 -20.90
CA ALA B 205 -21.09 -24.30 -21.30
C ALA B 205 -21.18 -24.72 -22.77
N ALA B 206 -20.32 -24.15 -23.61
CA ALA B 206 -20.33 -24.44 -25.06
C ALA B 206 -19.40 -25.59 -25.52
N GLY B 207 -18.81 -26.31 -24.57
CA GLY B 207 -18.00 -27.48 -24.91
C GLY B 207 -16.54 -27.47 -24.50
N ALA B 208 -16.01 -26.28 -24.14
CA ALA B 208 -14.58 -26.17 -23.82
C ALA B 208 -14.18 -26.85 -22.51
N THR B 209 -12.88 -27.16 -22.41
CA THR B 209 -12.27 -27.76 -21.21
C THR B 209 -11.11 -26.88 -20.69
N GLU B 210 -10.65 -27.19 -19.47
CA GLU B 210 -9.42 -26.62 -18.90
C GLU B 210 -8.26 -26.60 -19.89
N THR B 211 -8.19 -27.64 -20.71
CA THR B 211 -7.00 -27.95 -21.52
C THR B 211 -7.01 -27.32 -22.91
N GLU B 212 -8.17 -26.86 -23.36
CA GLU B 212 -8.27 -26.09 -24.59
C GLU B 212 -7.08 -25.11 -24.65
N GLN B 213 -6.36 -25.11 -25.76
CA GLN B 213 -5.23 -24.22 -25.91
C GLN B 213 -5.62 -22.88 -26.56
N LEU B 214 -5.27 -21.79 -25.89
CA LEU B 214 -5.57 -20.43 -26.35
C LEU B 214 -4.27 -19.64 -26.50
N THR B 215 -4.31 -18.56 -27.29
CA THR B 215 -3.14 -17.70 -27.51
C THR B 215 -2.48 -17.22 -26.23
N ALA B 216 -1.14 -17.18 -26.26
CA ALA B 216 -0.32 -16.73 -25.15
C ALA B 216 0.38 -15.42 -25.51
N ALA B 217 0.11 -14.92 -26.73
CA ALA B 217 0.70 -13.68 -27.24
C ALA B 217 0.56 -12.51 -26.27
N PRO B 218 1.58 -11.64 -26.20
CA PRO B 218 1.48 -10.45 -25.34
C PRO B 218 0.41 -9.46 -25.81
N THR B 219 0.11 -9.48 -27.11
CA THR B 219 -0.72 -8.46 -27.74
C THR B 219 -1.73 -9.14 -28.66
N ILE B 220 -2.89 -8.51 -28.85
CA ILE B 220 -3.90 -9.05 -29.78
C ILE B 220 -4.69 -7.96 -30.52
N PRO B 221 -4.64 -7.98 -31.87
CA PRO B 221 -5.47 -7.10 -32.68
C PRO B 221 -6.96 -7.41 -32.52
N LEU B 222 -7.80 -6.38 -32.52
CA LEU B 222 -9.25 -6.52 -32.45
C LEU B 222 -9.82 -6.44 -33.86
N PRO B 223 -10.60 -7.47 -34.28
CA PRO B 223 -11.07 -7.55 -35.67
C PRO B 223 -11.81 -6.29 -36.10
N GLY B 224 -11.40 -5.74 -37.24
CA GLY B 224 -12.03 -4.56 -37.81
C GLY B 224 -11.84 -3.28 -37.03
N SER B 225 -10.72 -3.16 -36.31
CA SER B 225 -10.37 -1.91 -35.66
C SER B 225 -8.85 -1.72 -35.54
N THR B 226 -8.46 -0.47 -35.27
CA THR B 226 -7.07 -0.11 -35.06
C THR B 226 -6.60 -0.60 -33.69
N ALA B 227 -7.55 -0.68 -32.76
CA ALA B 227 -7.29 -1.03 -31.36
C ALA B 227 -6.61 -2.39 -31.17
N GLN B 228 -5.94 -2.51 -30.02
CA GLN B 228 -5.26 -3.73 -29.63
C GLN B 228 -5.42 -3.89 -28.13
N LEU B 229 -5.40 -5.14 -27.68
CA LEU B 229 -5.35 -5.43 -26.25
C LEU B 229 -4.10 -6.22 -25.96
N GLU B 230 -3.57 -6.06 -24.74
CA GLU B 230 -2.38 -6.73 -24.33
C GLU B 230 -2.55 -7.36 -22.96
N ASN B 231 -1.75 -8.40 -22.68
CA ASN B 231 -1.63 -8.89 -21.31
C ASN B 231 -1.02 -7.79 -20.43
N TYR B 232 -1.23 -7.87 -19.13
CA TYR B 232 -0.66 -6.89 -18.20
C TYR B 232 0.85 -6.76 -18.40
N GLY B 233 1.33 -5.52 -18.51
CA GLY B 233 2.77 -5.24 -18.69
C GLY B 233 3.38 -5.75 -19.98
N GLY B 234 2.54 -6.07 -20.96
CA GLY B 234 2.99 -6.59 -22.25
C GLY B 234 3.74 -7.91 -22.20
N ALA B 235 3.58 -8.67 -21.11
CA ALA B 235 4.22 -9.97 -20.97
C ALA B 235 3.42 -11.04 -21.72
N PRO B 236 4.12 -11.91 -22.48
CA PRO B 236 3.42 -13.07 -23.03
C PRO B 236 2.94 -13.96 -21.88
N CYS B 237 1.98 -14.83 -22.16
CA CYS B 237 1.37 -15.66 -21.14
C CYS B 237 2.11 -16.98 -21.05
N GLY B 238 3.13 -17.05 -20.20
CA GLY B 238 4.05 -18.17 -20.23
C GLY B 238 4.93 -18.08 -21.47
N ASP B 239 5.58 -19.19 -21.81
CA ASP B 239 6.66 -19.15 -22.79
C ASP B 239 6.39 -19.95 -24.08
N GLU B 240 5.27 -20.68 -24.10
CA GLU B 240 4.91 -21.40 -25.32
C GLU B 240 4.00 -20.54 -26.21
N PRO B 241 3.80 -20.94 -27.48
CA PRO B 241 2.87 -20.23 -28.38
C PRO B 241 1.44 -20.11 -27.82
N THR B 242 0.92 -21.19 -27.25
CA THR B 242 -0.41 -21.23 -26.67
C THR B 242 -0.35 -21.58 -25.17
N VAL B 243 -1.45 -21.31 -24.46
CA VAL B 243 -1.61 -21.62 -23.03
C VAL B 243 -2.94 -22.31 -22.87
N SER B 244 -3.05 -23.18 -21.87
CA SER B 244 -4.30 -23.82 -21.57
C SER B 244 -5.25 -22.80 -20.92
N LEU B 245 -6.55 -23.03 -21.02
CA LEU B 245 -7.55 -22.23 -20.31
C LEU B 245 -7.23 -22.16 -18.82
N ARG B 246 -6.88 -23.30 -18.20
CA ARG B 246 -6.57 -23.33 -16.76
C ARG B 246 -5.46 -22.34 -16.38
N GLU B 247 -4.34 -22.37 -17.12
CA GLU B 247 -3.22 -21.47 -16.86
C GLU B 247 -3.50 -20.00 -17.21
N ALA B 248 -4.17 -19.77 -18.35
CA ALA B 248 -4.59 -18.40 -18.69
C ALA B 248 -5.52 -17.79 -17.64
N PHE B 249 -6.26 -18.63 -16.93
CA PHE B 249 -7.19 -18.19 -15.90
C PHE B 249 -6.50 -17.87 -14.59
N VAL B 250 -5.60 -18.75 -14.13
CA VAL B 250 -4.95 -18.60 -12.84
C VAL B 250 -3.97 -17.44 -12.86
N LYS B 251 -3.36 -17.20 -14.02
CA LYS B 251 -2.38 -16.13 -14.22
C LYS B 251 -3.04 -14.85 -14.71
N SER B 252 -4.35 -14.89 -14.91
CA SER B 252 -5.13 -13.78 -15.43
C SER B 252 -4.55 -13.10 -16.67
N CYS B 253 -4.24 -13.90 -17.68
CA CYS B 253 -3.82 -13.36 -18.96
C CYS B 253 -5.03 -12.80 -19.69
N ASN B 254 -4.82 -11.84 -20.57
CA ASN B 254 -5.93 -11.18 -21.26
C ASN B 254 -6.24 -11.69 -22.66
N THR B 255 -5.19 -11.84 -23.48
CA THR B 255 -5.36 -12.11 -24.92
C THR B 255 -6.05 -13.43 -25.17
N ALA B 256 -5.78 -14.39 -24.30
CA ALA B 256 -6.42 -15.69 -24.29
C ALA B 256 -7.94 -15.53 -24.17
N PHE B 257 -8.35 -14.56 -23.34
CA PHE B 257 -9.77 -14.25 -23.06
C PHE B 257 -10.46 -13.42 -24.12
N VAL B 258 -9.72 -12.51 -24.76
CA VAL B 258 -10.21 -11.81 -25.94
C VAL B 258 -10.55 -12.84 -27.03
N GLN B 259 -9.61 -13.75 -27.26
CA GLN B 259 -9.75 -14.81 -28.27
C GLN B 259 -10.92 -15.73 -27.94
N LEU B 260 -10.96 -16.22 -26.69
CA LEU B 260 -12.05 -17.07 -26.21
C LEU B 260 -13.41 -16.38 -26.34
N GLY B 261 -13.49 -15.12 -25.93
CA GLY B 261 -14.73 -14.36 -26.02
C GLY B 261 -15.19 -14.10 -27.44
N ILE B 262 -14.27 -13.75 -28.33
CA ILE B 262 -14.61 -13.55 -29.73
C ILE B 262 -15.00 -14.88 -30.44
N ARG B 263 -14.35 -15.99 -30.07
CA ARG B 263 -14.74 -17.34 -30.54
C ARG B 263 -16.22 -17.56 -30.27
N THR B 264 -16.55 -17.54 -28.99
CA THR B 264 -17.84 -17.91 -28.43
C THR B 264 -18.96 -17.01 -28.94
N GLY B 265 -18.64 -15.73 -29.14
CA GLY B 265 -19.58 -14.82 -29.81
C GLY B 265 -20.48 -14.07 -28.83
N ALA B 266 -21.06 -12.99 -29.33
CA ALA B 266 -21.79 -12.03 -28.49
C ALA B 266 -23.05 -12.62 -27.89
N ASP B 267 -23.76 -13.44 -28.67
CA ASP B 267 -25.02 -14.06 -28.21
C ASP B 267 -24.81 -14.93 -26.98
N ALA B 268 -23.75 -15.72 -26.97
CA ALA B 268 -23.44 -16.64 -25.87
C ALA B 268 -22.98 -15.91 -24.61
N LEU B 269 -22.13 -14.89 -24.78
CA LEU B 269 -21.69 -14.05 -23.66
C LEU B 269 -22.88 -13.31 -23.00
N ARG B 270 -23.72 -12.64 -23.79
CA ARG B 270 -24.99 -12.04 -23.28
C ARG B 270 -25.82 -13.04 -22.47
N SER B 271 -26.09 -14.17 -23.11
CA SER B 271 -26.81 -15.29 -22.51
C SER B 271 -26.24 -15.80 -21.18
N MET B 272 -24.93 -16.07 -21.13
CA MET B 272 -24.31 -16.49 -19.86
C MET B 272 -24.42 -15.38 -18.79
N ALA B 273 -24.30 -14.13 -19.22
CA ALA B 273 -24.36 -12.96 -18.33
C ALA B 273 -25.76 -12.80 -17.74
N ARG B 274 -26.79 -12.96 -18.57
CA ARG B 274 -28.17 -12.87 -18.08
C ARG B 274 -28.45 -14.03 -17.13
N ALA B 275 -27.89 -15.20 -17.47
CA ALA B 275 -27.98 -16.38 -16.62
C ALA B 275 -27.38 -16.13 -15.25
N PHE B 276 -26.38 -15.24 -15.19
CA PHE B 276 -25.75 -14.87 -13.94
C PHE B 276 -26.36 -13.61 -13.26
N GLY B 277 -27.39 -13.03 -13.86
CA GLY B 277 -28.13 -11.91 -13.25
C GLY B 277 -27.92 -10.53 -13.86
N LEU B 278 -27.05 -10.42 -14.85
CA LEU B 278 -26.82 -9.14 -15.54
C LEU B 278 -27.91 -8.94 -16.58
N ASP B 279 -28.33 -7.69 -16.77
CA ASP B 279 -29.35 -7.30 -17.75
C ASP B 279 -30.67 -8.01 -17.49
N SER B 280 -30.89 -8.35 -16.23
CA SER B 280 -32.17 -8.88 -15.77
C SER B 280 -32.59 -8.01 -14.59
N PRO B 281 -33.88 -7.60 -14.54
CA PRO B 281 -34.36 -6.67 -13.51
C PRO B 281 -34.20 -7.18 -12.07
N PRO B 282 -33.39 -6.49 -11.26
CA PRO B 282 -33.18 -6.90 -9.87
C PRO B 282 -34.47 -6.83 -9.06
N ARG B 283 -34.66 -7.83 -8.19
CA ARG B 283 -35.75 -7.85 -7.24
C ARG B 283 -35.25 -7.08 -6.02
N PRO B 284 -36.08 -6.18 -5.46
CA PRO B 284 -35.64 -5.42 -4.29
C PRO B 284 -35.36 -6.31 -3.09
N THR B 285 -34.52 -5.85 -2.16
CA THR B 285 -33.98 -6.72 -1.11
C THR B 285 -34.52 -6.59 0.33
N PRO B 286 -35.40 -5.60 0.63
CA PRO B 286 -36.27 -4.65 -0.10
C PRO B 286 -35.57 -3.41 -0.64
N LEU B 287 -34.27 -3.28 -0.38
CA LEU B 287 -33.50 -2.15 -0.92
C LEU B 287 -33.34 -2.31 -2.41
N GLN B 288 -33.45 -1.21 -3.14
CA GLN B 288 -33.33 -1.22 -4.60
C GLN B 288 -31.86 -1.31 -5.02
N VAL B 289 -31.61 -2.15 -6.02
CA VAL B 289 -30.27 -2.45 -6.51
C VAL B 289 -30.16 -1.96 -7.94
N ALA B 290 -29.15 -1.14 -8.24
CA ALA B 290 -28.87 -0.72 -9.62
C ALA B 290 -28.75 -1.94 -10.52
N GLU B 291 -29.24 -1.85 -11.77
CA GLU B 291 -29.06 -2.96 -12.73
C GLU B 291 -27.61 -3.03 -13.21
N SER B 292 -27.14 -4.26 -13.37
CA SER B 292 -25.85 -4.56 -13.92
C SER B 292 -26.04 -4.94 -15.38
N THR B 293 -25.06 -4.62 -16.21
CA THR B 293 -25.17 -4.81 -17.65
C THR B 293 -23.87 -5.34 -18.25
N VAL B 294 -24.00 -6.01 -19.39
CA VAL B 294 -22.84 -6.42 -20.16
C VAL B 294 -22.53 -5.35 -21.24
N GLY B 295 -23.52 -4.50 -21.52
CA GLY B 295 -23.43 -3.50 -22.60
C GLY B 295 -24.15 -3.96 -23.86
N PRO B 296 -24.30 -3.09 -24.86
CA PRO B 296 -24.91 -3.50 -26.13
C PRO B 296 -24.08 -4.49 -26.99
N ILE B 297 -22.74 -4.43 -26.88
CA ILE B 297 -21.79 -5.21 -27.72
C ILE B 297 -22.01 -5.00 -29.24
N PRO B 298 -21.76 -3.77 -29.75
CA PRO B 298 -22.03 -3.47 -31.17
C PRO B 298 -21.26 -4.30 -32.21
N ASP B 299 -20.04 -4.72 -31.90
CA ASP B 299 -19.19 -5.39 -32.88
C ASP B 299 -18.16 -6.31 -32.21
N SER B 300 -17.27 -6.91 -33.00
CA SER B 300 -16.31 -7.90 -32.48
C SER B 300 -15.20 -7.26 -31.62
N ALA B 301 -14.78 -6.06 -32.01
CA ALA B 301 -13.88 -5.25 -31.19
C ALA B 301 -14.46 -5.00 -29.79
N ALA B 302 -15.73 -4.58 -29.71
CA ALA B 302 -16.39 -4.41 -28.40
C ALA B 302 -16.48 -5.72 -27.63
N LEU B 303 -16.68 -6.82 -28.34
CA LEU B 303 -16.82 -8.15 -27.74
C LEU B 303 -15.48 -8.62 -27.17
N GLY B 304 -14.39 -8.28 -27.83
CA GLY B 304 -13.04 -8.51 -27.29
C GLY B 304 -12.85 -7.84 -25.94
N MET B 305 -13.24 -6.56 -25.88
CA MET B 305 -13.14 -5.75 -24.65
C MET B 305 -14.09 -6.19 -23.54
N THR B 306 -15.30 -6.60 -23.93
CA THR B 306 -16.30 -7.09 -22.99
C THR B 306 -15.84 -8.35 -22.27
N SER B 307 -15.15 -9.23 -22.99
CA SER B 307 -14.68 -10.55 -22.49
C SER B 307 -13.71 -10.48 -21.32
N ILE B 308 -12.95 -9.38 -21.26
CA ILE B 308 -12.05 -9.09 -20.14
C ILE B 308 -12.65 -8.04 -19.19
N GLY B 309 -13.95 -7.80 -19.31
CA GLY B 309 -14.69 -6.98 -18.32
C GLY B 309 -14.54 -5.48 -18.47
N GLN B 310 -14.29 -5.05 -19.70
CA GLN B 310 -14.18 -3.62 -19.99
C GLN B 310 -15.27 -3.22 -20.98
N LYS B 311 -15.01 -2.25 -21.85
CA LYS B 311 -16.04 -1.72 -22.74
C LYS B 311 -17.22 -1.13 -21.92
N ASP B 312 -18.38 -1.75 -22.00
CA ASP B 312 -19.58 -1.21 -21.34
C ASP B 312 -20.07 -2.06 -20.18
N VAL B 313 -19.33 -3.11 -19.83
CA VAL B 313 -19.70 -3.97 -18.69
C VAL B 313 -19.62 -3.13 -17.38
N ALA B 314 -20.67 -3.19 -16.57
CA ALA B 314 -20.74 -2.50 -15.31
C ALA B 314 -21.53 -3.33 -14.32
N LEU B 315 -20.93 -3.63 -13.17
CA LEU B 315 -21.58 -4.42 -12.12
C LEU B 315 -21.55 -3.70 -10.80
N THR B 316 -22.58 -3.92 -9.99
CA THR B 316 -22.62 -3.53 -8.58
C THR B 316 -21.79 -4.56 -7.81
N PRO B 317 -21.21 -4.15 -6.68
CA PRO B 317 -20.56 -5.16 -5.86
C PRO B 317 -21.44 -6.35 -5.45
N LEU B 318 -22.72 -6.09 -5.15
CA LEU B 318 -23.68 -7.16 -4.86
C LEU B 318 -23.76 -8.21 -5.98
N ALA B 319 -23.88 -7.77 -7.23
CA ALA B 319 -24.01 -8.68 -8.37
C ALA B 319 -22.74 -9.51 -8.56
N ASN B 320 -21.56 -8.91 -8.35
CA ASN B 320 -20.30 -9.65 -8.45
C ASN B 320 -20.20 -10.71 -7.34
N ALA B 321 -20.66 -10.38 -6.13
CA ALA B 321 -20.80 -11.36 -5.04
C ALA B 321 -21.74 -12.52 -5.35
N GLU B 322 -22.78 -12.24 -6.17
CA GLU B 322 -23.79 -13.23 -6.53
C GLU B 322 -23.25 -14.22 -7.54
N ILE B 323 -22.38 -13.74 -8.43
CA ILE B 323 -21.64 -14.63 -9.33
C ILE B 323 -20.85 -15.65 -8.52
N ALA B 324 -20.04 -15.17 -7.58
CA ALA B 324 -19.32 -16.03 -6.64
C ALA B 324 -20.26 -17.02 -5.95
N ALA B 325 -21.35 -16.50 -5.38
CA ALA B 325 -22.33 -17.30 -4.63
C ALA B 325 -23.07 -18.32 -5.47
N THR B 326 -23.32 -18.00 -6.74
CA THR B 326 -23.97 -18.94 -7.66
C THR B 326 -23.04 -20.13 -7.93
N ILE B 327 -21.77 -19.86 -8.22
CA ILE B 327 -20.77 -20.91 -8.42
C ILE B 327 -20.59 -21.69 -7.13
N ALA B 328 -20.57 -20.98 -6.00
CA ALA B 328 -20.42 -21.61 -4.68
C ALA B 328 -21.57 -22.58 -4.41
N ASN B 329 -22.75 -22.23 -4.95
CA ASN B 329 -23.97 -23.00 -4.73
C ASN B 329 -24.27 -24.05 -5.82
N GLY B 330 -23.23 -24.51 -6.52
CA GLY B 330 -23.40 -25.58 -7.52
C GLY B 330 -24.12 -25.14 -8.79
N GLY B 331 -24.09 -23.83 -9.08
CA GLY B 331 -24.70 -23.25 -10.29
C GLY B 331 -26.08 -22.64 -10.11
N ILE B 332 -26.60 -22.71 -8.89
CA ILE B 332 -27.93 -22.18 -8.59
C ILE B 332 -27.88 -20.83 -7.87
N THR B 333 -28.47 -19.80 -8.49
CA THR B 333 -28.60 -18.48 -7.88
C THR B 333 -29.78 -18.40 -6.93
N MET B 334 -29.47 -18.25 -5.65
CA MET B 334 -30.42 -17.92 -4.60
C MET B 334 -30.60 -16.40 -4.47
N ARG B 335 -31.85 -15.96 -4.48
CA ARG B 335 -32.18 -14.53 -4.50
C ARG B 335 -31.75 -13.83 -3.20
N PRO B 336 -30.95 -12.76 -3.31
CA PRO B 336 -30.50 -12.14 -2.06
C PRO B 336 -31.59 -11.30 -1.41
N TYR B 337 -31.63 -11.34 -0.08
CA TYR B 337 -32.59 -10.61 0.70
C TYR B 337 -31.89 -10.15 1.98
N LEU B 338 -32.39 -9.07 2.57
CA LEU B 338 -31.74 -8.42 3.70
C LEU B 338 -32.54 -8.53 5.01
N VAL B 339 -33.83 -8.87 4.88
CA VAL B 339 -34.76 -8.92 6.01
C VAL B 339 -35.24 -10.37 6.19
N GLY B 340 -34.98 -10.94 7.36
CA GLY B 340 -35.30 -12.35 7.63
C GLY B 340 -36.69 -12.51 8.22
N SER B 341 -37.13 -11.53 9.01
CA SER B 341 -38.48 -11.56 9.55
C SER B 341 -38.95 -10.19 10.02
N LEU B 342 -40.27 -9.99 9.96
CA LEU B 342 -40.91 -8.82 10.53
C LEU B 342 -41.66 -9.25 11.77
N LYS B 343 -41.57 -8.45 12.83
CA LYS B 343 -42.19 -8.81 14.10
C LYS B 343 -43.07 -7.70 14.63
N GLY B 344 -44.00 -8.06 15.51
CA GLY B 344 -44.84 -7.08 16.20
C GLY B 344 -44.07 -6.48 17.36
N PRO B 345 -44.64 -5.42 17.99
CA PRO B 345 -44.04 -4.80 19.18
C PRO B 345 -43.85 -5.79 20.33
N ASP B 346 -44.74 -6.76 20.46
CA ASP B 346 -44.62 -7.80 21.49
C ASP B 346 -43.62 -8.88 21.07
N LEU B 347 -43.16 -8.78 19.83
CA LEU B 347 -42.20 -9.72 19.20
C LEU B 347 -42.88 -10.94 18.58
N ALA B 348 -44.20 -10.87 18.39
CA ALA B 348 -44.92 -11.91 17.65
C ALA B 348 -44.55 -11.84 16.16
N ASN B 349 -44.44 -13.00 15.52
CA ASN B 349 -43.97 -13.08 14.14
C ASN B 349 -45.06 -12.69 13.13
N ILE B 350 -44.76 -11.66 12.33
CA ILE B 350 -45.70 -11.15 11.33
C ILE B 350 -45.39 -11.77 9.96
N SER B 351 -44.11 -11.78 9.61
CA SER B 351 -43.67 -12.30 8.32
C SER B 351 -42.27 -12.91 8.42
N THR B 352 -42.11 -14.09 7.85
CA THR B 352 -40.84 -14.81 7.80
C THR B 352 -40.46 -15.02 6.33
N THR B 353 -39.33 -14.44 5.93
CA THR B 353 -38.87 -14.56 4.55
C THR B 353 -38.53 -16.01 4.19
N VAL B 354 -39.03 -16.44 3.04
CA VAL B 354 -38.66 -17.75 2.51
C VAL B 354 -37.59 -17.58 1.43
N ARG B 355 -36.58 -18.43 1.49
CA ARG B 355 -35.53 -18.43 0.48
C ARG B 355 -36.09 -19.03 -0.80
N TYR B 356 -35.71 -18.48 -1.95
CA TYR B 356 -36.11 -19.08 -3.22
C TYR B 356 -35.03 -19.09 -4.29
N GLN B 357 -35.07 -20.14 -5.11
CA GLN B 357 -34.12 -20.31 -6.22
C GLN B 357 -34.56 -19.46 -7.38
N GLN B 358 -33.73 -18.50 -7.76
CA GLN B 358 -34.10 -17.60 -8.85
C GLN B 358 -33.93 -18.24 -10.21
N ARG B 359 -32.97 -19.15 -10.32
CA ARG B 359 -32.61 -19.81 -11.58
C ARG B 359 -31.39 -20.69 -11.43
N ARG B 360 -31.18 -21.55 -12.43
CA ARG B 360 -29.91 -22.23 -12.60
C ARG B 360 -29.12 -21.49 -13.67
N ALA B 361 -27.94 -21.01 -13.30
CA ALA B 361 -27.07 -20.29 -14.24
C ALA B 361 -26.23 -21.27 -15.06
N VAL B 362 -25.65 -22.24 -14.37
CA VAL B 362 -24.78 -23.25 -14.97
C VAL B 362 -25.06 -24.62 -14.36
N SER B 363 -24.57 -25.67 -15.03
CA SER B 363 -24.67 -27.03 -14.52
C SER B 363 -23.73 -27.24 -13.33
N PRO B 364 -23.97 -28.29 -12.52
CA PRO B 364 -23.07 -28.59 -11.41
C PRO B 364 -21.65 -28.88 -11.90
N GLN B 365 -21.56 -29.37 -13.14
CA GLN B 365 -20.29 -29.72 -13.77
C GLN B 365 -19.51 -28.45 -14.13
N VAL B 366 -20.16 -27.50 -14.80
CA VAL B 366 -19.56 -26.21 -15.13
C VAL B 366 -19.17 -25.42 -13.86
N ALA B 367 -20.08 -25.41 -12.87
CA ALA B 367 -19.81 -24.80 -11.57
C ALA B 367 -18.59 -25.39 -10.84
N ALA B 368 -18.50 -26.72 -10.82
CA ALA B 368 -17.37 -27.45 -10.24
C ALA B 368 -16.04 -27.16 -10.92
N LYS B 369 -16.08 -26.97 -12.24
CA LYS B 369 -14.89 -26.61 -13.02
C LYS B 369 -14.40 -25.17 -12.73
N LEU B 370 -15.35 -24.23 -12.63
CA LEU B 370 -15.05 -22.85 -12.27
C LEU B 370 -14.42 -22.75 -10.90
N THR B 371 -14.95 -23.53 -9.96
CA THR B 371 -14.42 -23.67 -8.61
C THR B 371 -12.96 -24.15 -8.65
N GLU B 372 -12.71 -25.21 -9.43
CA GLU B 372 -11.34 -25.73 -9.60
C GLU B 372 -10.39 -24.61 -10.05
N LEU B 373 -10.75 -23.92 -11.12
CA LEU B 373 -10.01 -22.78 -11.65
C LEU B 373 -9.83 -21.62 -10.66
N MET B 374 -10.85 -21.33 -9.85
CA MET B 374 -10.80 -20.23 -8.88
C MET B 374 -9.98 -20.60 -7.67
N VAL B 375 -9.96 -21.89 -7.34
CA VAL B 375 -9.01 -22.41 -6.34
C VAL B 375 -7.54 -22.27 -6.81
N GLY B 376 -7.31 -22.49 -8.09
CA GLY B 376 -5.99 -22.26 -8.69
C GLY B 376 -5.60 -20.79 -8.71
N ALA B 377 -6.58 -19.92 -8.99
CA ALA B 377 -6.33 -18.48 -9.04
C ALA B 377 -6.00 -17.92 -7.67
N GLU B 378 -6.64 -18.43 -6.63
CA GLU B 378 -6.35 -18.07 -5.23
C GLU B 378 -4.92 -18.46 -4.76
N LYS B 379 -4.43 -19.63 -5.20
CA LYS B 379 -3.09 -20.13 -4.87
C LYS B 379 -1.99 -19.24 -5.46
N VAL B 380 -2.23 -18.81 -6.69
CA VAL B 380 -1.33 -17.93 -7.43
C VAL B 380 -1.33 -16.49 -6.88
N ALA B 381 -2.48 -16.04 -6.38
CA ALA B 381 -2.65 -14.66 -5.90
C ALA B 381 -1.80 -14.31 -4.66
N GLN B 382 -1.70 -13.01 -4.39
CA GLN B 382 -1.07 -12.49 -3.17
C GLN B 382 -1.71 -13.16 -1.94
N GLN B 383 -0.88 -13.58 -1.00
CA GLN B 383 -1.28 -14.50 0.07
C GLN B 383 -1.57 -13.92 1.46
N LYS B 384 -1.48 -12.59 1.60
CA LYS B 384 -1.82 -11.91 2.88
C LYS B 384 -3.26 -12.20 3.31
N GLY B 385 -3.40 -12.81 4.48
CA GLY B 385 -4.71 -13.18 5.03
C GLY B 385 -5.10 -14.65 4.85
N ALA B 386 -4.28 -15.40 4.11
CA ALA B 386 -4.56 -16.81 3.81
C ALA B 386 -4.52 -17.70 5.05
N ILE B 387 -5.47 -18.64 5.12
CA ILE B 387 -5.58 -19.56 6.24
C ILE B 387 -5.12 -20.96 5.80
N PRO B 388 -4.09 -21.51 6.48
CA PRO B 388 -3.41 -22.76 6.10
C PRO B 388 -4.31 -23.89 5.57
N GLY B 389 -5.39 -24.20 6.30
CA GLY B 389 -6.28 -25.31 5.92
C GLY B 389 -7.67 -24.90 5.45
N VAL B 390 -7.84 -23.65 5.02
CA VAL B 390 -9.12 -23.17 4.50
C VAL B 390 -8.95 -22.81 3.04
N GLN B 391 -9.43 -23.70 2.18
CA GLN B 391 -9.37 -23.51 0.73
C GLN B 391 -10.35 -22.40 0.31
N ILE B 392 -9.81 -21.31 -0.23
CA ILE B 392 -10.62 -20.25 -0.83
C ILE B 392 -10.60 -20.38 -2.34
N ALA B 393 -11.75 -20.11 -2.96
CA ALA B 393 -11.87 -20.05 -4.42
C ALA B 393 -12.10 -18.60 -4.78
N SER B 394 -11.20 -18.02 -5.58
CA SER B 394 -11.33 -16.58 -5.84
C SER B 394 -10.94 -16.17 -7.25
N LYS B 395 -11.31 -14.94 -7.59
CA LYS B 395 -10.78 -14.23 -8.75
C LYS B 395 -10.46 -12.78 -8.34
N THR B 396 -9.19 -12.43 -8.48
CA THR B 396 -8.66 -11.10 -8.27
C THR B 396 -8.84 -10.35 -9.57
N GLY B 397 -8.55 -9.06 -9.57
CA GLY B 397 -8.83 -8.23 -10.71
C GLY B 397 -8.67 -6.76 -10.49
N THR B 398 -8.39 -6.06 -11.59
CA THR B 398 -8.32 -4.62 -11.62
C THR B 398 -9.27 -4.21 -12.72
N ALA B 399 -9.66 -2.93 -12.74
CA ALA B 399 -10.56 -2.47 -13.79
C ALA B 399 -10.29 -1.03 -14.15
N GLU B 400 -10.00 -0.79 -15.43
CA GLU B 400 -9.85 0.57 -15.93
C GLU B 400 -11.22 1.21 -15.92
N HIS B 401 -11.26 2.52 -15.71
CA HIS B 401 -12.50 3.27 -15.67
C HIS B 401 -12.30 4.69 -16.19
N PRO B 409 -5.77 5.71 -11.33
CA PRO B 409 -5.55 4.28 -11.05
C PRO B 409 -6.83 3.44 -11.16
N PRO B 410 -6.69 2.19 -11.67
CA PRO B 410 -7.81 1.29 -11.80
C PRO B 410 -8.34 0.88 -10.45
N HIS B 411 -9.59 0.41 -10.43
CA HIS B 411 -10.20 -0.13 -9.21
C HIS B 411 -9.60 -1.52 -8.98
N ALA B 412 -9.68 -2.01 -7.75
CA ALA B 412 -9.30 -3.40 -7.46
C ALA B 412 -10.54 -4.13 -6.96
N TRP B 413 -10.68 -5.38 -7.42
CA TRP B 413 -11.80 -6.28 -7.09
C TRP B 413 -11.27 -7.56 -6.44
N TYR B 414 -12.08 -8.17 -5.59
CA TYR B 414 -11.84 -9.53 -5.12
C TYR B 414 -13.19 -10.19 -4.94
N ILE B 415 -13.40 -11.29 -5.65
CA ILE B 415 -14.58 -12.12 -5.45
C ILE B 415 -14.13 -13.51 -5.03
N ALA B 416 -14.87 -14.12 -4.12
CA ALA B 416 -14.40 -15.33 -3.46
C ALA B 416 -15.54 -16.08 -2.77
N PHE B 417 -15.31 -17.37 -2.52
CA PHE B 417 -16.17 -18.18 -1.66
C PHE B 417 -15.35 -19.22 -0.90
N ALA B 418 -15.87 -19.68 0.24
CA ALA B 418 -15.12 -20.51 1.17
C ALA B 418 -16.04 -21.23 2.17
N PRO B 419 -15.66 -22.46 2.60
CA PRO B 419 -14.59 -23.30 2.07
C PRO B 419 -14.97 -23.75 0.67
N ALA B 420 -13.99 -23.73 -0.23
CA ALA B 420 -14.24 -23.99 -1.65
C ALA B 420 -15.14 -25.21 -1.92
N GLN B 421 -14.97 -26.27 -1.13
CA GLN B 421 -15.60 -27.54 -1.46
C GLN B 421 -16.90 -27.83 -0.68
N ALA B 422 -17.18 -27.01 0.33
CA ALA B 422 -18.47 -27.00 1.01
C ALA B 422 -18.78 -25.59 1.51
N PRO B 423 -19.09 -24.65 0.58
CA PRO B 423 -19.09 -23.21 0.84
C PRO B 423 -20.15 -22.71 1.83
N LYS B 424 -19.74 -21.76 2.67
CA LYS B 424 -20.60 -21.20 3.72
C LYS B 424 -20.71 -19.68 3.56
N VAL B 425 -19.89 -19.12 2.68
CA VAL B 425 -19.86 -17.68 2.46
C VAL B 425 -19.29 -17.30 1.08
N ALA B 426 -19.93 -16.36 0.40
CA ALA B 426 -19.37 -15.74 -0.79
C ALA B 426 -19.14 -14.25 -0.49
N VAL B 427 -18.08 -13.65 -1.06
CA VAL B 427 -17.79 -12.21 -0.85
C VAL B 427 -17.42 -11.48 -2.15
N ALA B 428 -17.74 -10.20 -2.20
CA ALA B 428 -17.14 -9.30 -3.18
C ALA B 428 -16.56 -8.09 -2.45
N VAL B 429 -15.30 -7.76 -2.80
CA VAL B 429 -14.61 -6.55 -2.32
C VAL B 429 -14.31 -5.64 -3.50
N LEU B 430 -14.71 -4.39 -3.41
CA LEU B 430 -14.33 -3.42 -4.41
C LEU B 430 -13.62 -2.26 -3.71
N VAL B 431 -12.35 -2.05 -4.06
CA VAL B 431 -11.60 -0.90 -3.57
C VAL B 431 -11.42 0.04 -4.75
N GLU B 432 -12.14 1.17 -4.72
CA GLU B 432 -12.07 2.17 -5.79
C GLU B 432 -10.63 2.71 -5.87
N ASN B 433 -10.11 2.85 -7.08
CA ASN B 433 -8.73 3.30 -7.32
C ASN B 433 -7.69 2.50 -6.51
N GLY B 434 -8.01 1.24 -6.21
CA GLY B 434 -7.22 0.43 -5.30
C GLY B 434 -6.16 -0.47 -5.92
N ALA B 435 -6.02 -0.41 -7.25
CA ALA B 435 -5.02 -1.21 -7.94
C ALA B 435 -3.63 -0.64 -7.67
N ASP B 436 -2.70 -1.52 -7.30
CA ASP B 436 -1.29 -1.15 -7.17
C ASP B 436 -0.56 -1.62 -8.43
N ARG B 437 0.54 -0.96 -8.78
CA ARG B 437 1.37 -1.38 -9.93
C ARG B 437 2.60 -2.18 -9.51
N LEU B 438 2.69 -2.57 -8.25
CA LEU B 438 3.91 -3.20 -7.71
C LEU B 438 3.86 -4.72 -7.55
N SER B 439 2.84 -5.24 -6.86
CA SER B 439 2.74 -6.67 -6.57
C SER B 439 2.81 -7.50 -7.85
N ALA B 440 3.67 -8.52 -7.84
CA ALA B 440 3.80 -9.45 -8.97
C ALA B 440 2.49 -10.20 -9.30
N THR B 441 1.61 -10.31 -8.30
CA THR B 441 0.34 -11.03 -8.46
C THR B 441 -0.85 -10.16 -8.00
N GLY B 442 -2.07 -10.57 -8.34
CA GLY B 442 -3.26 -9.78 -8.07
C GLY B 442 -3.72 -9.76 -6.63
N GLY B 443 -4.53 -8.75 -6.30
CA GLY B 443 -5.22 -8.71 -5.01
C GLY B 443 -4.48 -8.09 -3.83
N ALA B 444 -3.42 -7.33 -4.12
CA ALA B 444 -2.58 -6.72 -3.07
C ALA B 444 -3.38 -6.03 -1.95
N LEU B 445 -4.39 -5.26 -2.34
CA LEU B 445 -5.27 -4.56 -1.39
C LEU B 445 -6.63 -5.24 -1.18
N ALA B 446 -7.26 -5.64 -2.27
CA ALA B 446 -8.64 -6.18 -2.24
C ALA B 446 -8.73 -7.55 -1.58
N ALA B 447 -7.72 -8.39 -1.81
CA ALA B 447 -7.73 -9.76 -1.34
C ALA B 447 -7.66 -9.98 0.17
N PRO B 448 -6.76 -9.27 0.89
CA PRO B 448 -6.73 -9.43 2.34
C PRO B 448 -8.00 -8.90 3.03
N ILE B 449 -8.61 -7.87 2.45
CA ILE B 449 -9.90 -7.37 2.93
C ILE B 449 -10.91 -8.49 2.81
N GLY B 450 -10.97 -9.11 1.62
CA GLY B 450 -11.86 -10.25 1.37
C GLY B 450 -11.64 -11.41 2.32
N ARG B 451 -10.38 -11.70 2.61
CA ARG B 451 -10.02 -12.82 3.50
C ARG B 451 -10.31 -12.60 4.98
N ALA B 452 -10.25 -11.33 5.41
CA ALA B 452 -10.67 -10.96 6.77
C ALA B 452 -12.17 -11.18 6.93
N VAL B 453 -12.92 -10.85 5.88
CA VAL B 453 -14.39 -10.99 5.87
C VAL B 453 -14.79 -12.46 5.87
N ILE B 454 -14.06 -13.25 5.07
CA ILE B 454 -14.23 -14.69 5.05
C ILE B 454 -13.93 -15.30 6.42
N GLU B 455 -12.82 -14.89 7.05
CA GLU B 455 -12.43 -15.41 8.37
C GLU B 455 -13.48 -15.12 9.45
N ALA B 456 -14.00 -13.89 9.47
CA ALA B 456 -15.12 -13.54 10.36
C ALA B 456 -16.33 -14.46 10.14
N ALA B 457 -16.67 -14.72 8.88
CA ALA B 457 -17.84 -15.55 8.54
C ALA B 457 -17.70 -17.03 8.93
N LEU B 458 -16.46 -17.54 9.00
CA LEU B 458 -16.23 -18.97 9.24
C LEU B 458 -15.97 -19.35 10.70
N GLN B 459 -15.72 -18.35 11.54
CA GLN B 459 -15.53 -18.59 12.97
C GLN B 459 -16.77 -19.23 13.59
C7 IM2 C . 5.78 15.58 -1.37
C2 IM2 C . 2.78 12.95 0.16
C6 IM2 C . 4.42 15.02 -1.80
C5 IM2 C . 3.26 15.08 -0.77
C3 IM2 C . 3.38 13.69 1.09
O7 IM2 C . 6.66 15.67 -2.21
C61 IM2 C . 4.03 15.53 -3.20
O62 IM2 C . 4.98 16.43 -3.77
C62 IM2 C . 2.64 16.20 -3.28
N4 IM2 C . 3.79 14.82 0.57
C31 IM2 C . 3.60 13.37 2.51
O31 IM2 C . 2.71 13.67 3.35
O32 IM2 C . 4.66 12.80 2.83
S21 IM2 C . 2.59 11.28 0.14
C22 IM2 C . 1.68 10.70 1.55
C23 IM2 C . 2.52 9.70 2.35
N24 IM2 C . 1.89 9.59 3.66
C25 IM2 C . 2.47 9.04 4.58
N26 IM2 C . 3.05 8.30 5.37
C1 IM2 C . 2.35 13.85 -0.97
C7 IM2 D . -7.46 -7.90 -14.58
C2 IM2 D . -4.02 -8.22 -12.38
C6 IM2 D . -6.06 -7.51 -15.06
C5 IM2 D . -4.93 -8.43 -14.58
C3 IM2 D . -4.96 -9.17 -12.39
O7 IM2 D . -8.07 -7.18 -13.82
C61 IM2 D . -5.99 -7.32 -16.57
O62 IM2 D . -5.23 -8.40 -17.12
C62 IM2 D . -5.27 -6.01 -16.92
N4 IM2 D . -5.45 -9.37 -13.59
C31 IM2 D . -5.46 -9.96 -11.25
O31 IM2 D . -5.46 -11.20 -11.34
O32 IM2 D . -5.89 -9.35 -10.24
S21 IM2 D . -3.07 -7.75 -11.09
C22 IM2 D . -3.92 -6.81 -9.87
C23 IM2 D . -2.96 -6.27 -8.80
N24 IM2 D . -3.58 -5.04 -8.30
C25 IM2 D . -4.32 -5.09 -7.31
N26 IM2 D . -4.90 -4.88 -6.21
C1 IM2 D . -3.91 -7.62 -13.77
#